data_8H2M
#
_entry.id   8H2M
#
_cell.length_a   137.780
_cell.length_b   137.780
_cell.length_c   135.430
_cell.angle_alpha   90.000
_cell.angle_beta   90.000
_cell.angle_gamma   90.000
#
_symmetry.space_group_name_H-M   'P 41 2 2'
#
_entity_poly.entity_id   1
_entity_poly.type   'polypeptide(L)'
_entity_poly.pdbx_seq_one_letter_code
;(MSE)GSSHHHHHHSQDP(MSE)DLERYAIVVSAAVEADELVLDLDKSTLEELEAKLNQELAGTDQVGEQAGKELAEGLE
RGAVEGLDVRQVLAKLKAALKGEVRELATEEVKALRAAIQHALGVELDDNAKRQLAESAKLLDRIIESATRNQSLTVKLR
FDADRSALLTAERLADAYLNRIREALKQDKSSPLYQAFSALAKGTGEKLSPDEAKFRAGLFADVRDRFLALLKQDLQSYI
ADQLKRGHAVGDIKLPDTQAILSEAGLPTLKQALLLSRAVDLDANNRAKLAKDLGQF(MSE)PEVAQVLKAPEKGASWEE
INAVVREAKKAIHDAEEARRVALSLRSVTKEGNKPFAQQTGRFHTIELQEEGSPDEFQELLRLQASTQGHVDETTLARLV
VQKRATKAILKKLLETADRPEEQAVWRAAIERLVIGNTAYDLKDDESFAKLIELAKKHPLEKVVKNVREVQFSEKVTLSD
KYAFVPASNQGRIFLSHLRRENIYRTPTQRPLSLKVAEEGEGVRLKE(MSE)EEKALGDGALGILRPQSLGLPEDYTGVV
QVRGELADPEGNVYAGLKGTVIVDPRAKEDFLNLNDLYRGDTVVDGKKYTKEEVDALIREKLKTGALQLNLGIHRVSTVE
EAKVGKQVFLRH(MSE)GGVPFNRGRISPSEAAKWAAQAKELKFLP(MSE)IAGRE(MSE)GLSHYQQIATLAKTFGVEV
DEGQYS(MSE)AASHTAYKELDPEIYRLLEEGVELDAEGRPIVPIVIGKE(MSE)AAKLGLKEGDIAFTFRNPV(MSE)G
HGGALLQARVAAIRDRLNAVVVNQEYAKSTGVDFDGDTLVVLPKGLPVDPHRLEVFQTL(MSE)AHAGLAGGRKGGGSVE
PSPGELRFKEQLEVYDKVLARLSKSRLAAELRNAGVEDLSNPFEVVRQLESLGEEELLKAFKGYLRKGFAKELGLDLKSE
EDRARLNQYLFEGFLDYRKQFQDPRRVYKKLPL(MSE)PSAALAASLLQVEAHKKEYDPSDPVALAAGQLTTSFLGLSEK
LAQDLETSIDFPKLAEAIRAYNQAYSSGNEEQVAKARAELVKVLNDPTVQKFSLSNLLYQIITDRKKRDYSLRVRTESGK
TYEYRNLYAVLNRL(MSE)QNLPVEEVADTVYDASGQAVEERVPLKQSATRSLVKGLLDLASGKVKEDPDGTVAEDLADL
PVFGELEQLYGLVADAKYDPSSLKSALVKPNKPQGSYAEITTLLYRGIANQEGLAETNLPRDEVAR
;
_entity_poly.pdbx_strand_id   A
#
# COMPACT_ATOMS: atom_id res chain seq x y z
N ASN A 341 -21.61 1.26 -6.20
CA ASN A 341 -22.95 1.42 -5.60
C ASN A 341 -23.40 0.28 -4.60
N LYS A 342 -23.09 -1.01 -4.85
CA LYS A 342 -23.20 -2.06 -3.83
C LYS A 342 -22.10 -3.10 -4.05
N PRO A 343 -21.90 -4.02 -3.08
CA PRO A 343 -20.76 -4.93 -3.14
C PRO A 343 -20.70 -5.81 -4.39
N PHE A 344 -19.50 -5.91 -4.98
CA PHE A 344 -19.31 -6.77 -6.14
C PHE A 344 -19.64 -8.21 -5.84
N ALA A 345 -19.76 -8.61 -4.56
CA ALA A 345 -20.36 -9.90 -4.27
C ALA A 345 -21.79 -9.96 -4.81
N GLN A 346 -22.59 -8.93 -4.51
CA GLN A 346 -24.02 -8.92 -4.83
C GLN A 346 -24.29 -8.50 -6.26
N GLN A 347 -23.51 -7.58 -6.82
CA GLN A 347 -23.75 -7.17 -8.20
C GLN A 347 -23.40 -8.25 -9.21
N THR A 348 -22.68 -9.27 -8.79
CA THR A 348 -22.31 -10.37 -9.66
C THR A 348 -23.03 -11.66 -9.30
N GLY A 349 -23.41 -11.83 -8.04
CA GLY A 349 -24.11 -13.00 -7.60
C GLY A 349 -23.23 -14.12 -7.07
N ARG A 350 -21.90 -13.98 -7.16
CA ARG A 350 -20.99 -15.09 -6.86
C ARG A 350 -21.22 -15.62 -5.48
N PHE A 351 -21.26 -14.73 -4.50
CA PHE A 351 -21.35 -15.09 -3.10
C PHE A 351 -22.60 -14.50 -2.50
N HIS A 352 -23.13 -15.16 -1.48
CA HIS A 352 -24.07 -14.50 -0.61
C HIS A 352 -23.35 -13.81 0.53
N THR A 353 -23.92 -12.72 1.01
CA THR A 353 -23.28 -11.92 2.05
C THR A 353 -24.19 -11.80 3.24
N ILE A 354 -23.67 -12.15 4.39
CA ILE A 354 -24.28 -11.90 5.68
C ILE A 354 -23.36 -10.95 6.45
N GLU A 355 -23.93 -9.95 7.14
CA GLU A 355 -23.15 -9.02 7.96
C GLU A 355 -22.69 -9.68 9.26
N LEU A 356 -21.50 -9.27 9.74
CA LEU A 356 -20.96 -9.85 10.97
C LEU A 356 -21.26 -9.06 12.24
N GLN A 357 -21.29 -7.73 12.15
CA GLN A 357 -21.60 -6.87 13.27
C GLN A 357 -22.91 -6.20 12.96
N GLU A 358 -23.90 -6.40 13.83
CA GLU A 358 -25.28 -5.97 13.58
C GLU A 358 -25.41 -4.44 13.74
N GLU A 359 -26.65 -3.96 13.76
CA GLU A 359 -26.98 -2.55 13.49
C GLU A 359 -26.57 -1.66 14.67
N GLY A 360 -25.52 -0.84 14.48
CA GLY A 360 -25.07 0.12 15.49
C GLY A 360 -24.62 -0.40 16.85
N SER A 361 -24.90 -1.69 17.13
CA SER A 361 -24.52 -2.51 18.27
C SER A 361 -23.06 -2.37 18.69
N PRO A 362 -22.75 -2.64 19.97
CA PRO A 362 -21.43 -2.25 20.53
C PRO A 362 -20.30 -3.13 20.07
N ASP A 363 -19.11 -2.53 20.01
CA ASP A 363 -17.91 -3.25 19.56
C ASP A 363 -17.30 -4.02 20.73
N GLU A 364 -17.66 -5.30 20.85
CA GLU A 364 -17.13 -6.08 21.95
C GLU A 364 -15.62 -6.22 21.88
N PHE A 365 -15.02 -6.07 20.69
CA PHE A 365 -13.57 -6.19 20.65
C PHE A 365 -12.91 -4.97 21.28
N GLN A 366 -13.42 -3.76 21.01
CA GLN A 366 -12.86 -2.57 21.67
C GLN A 366 -12.89 -2.71 23.19
N GLU A 367 -13.89 -3.42 23.74
CA GLU A 367 -13.96 -3.61 25.20
C GLU A 367 -12.94 -4.63 25.65
N LEU A 368 -12.85 -5.78 24.98
CA LEU A 368 -11.86 -6.74 25.44
C LEU A 368 -10.47 -6.14 25.42
N LEU A 369 -10.28 -5.12 24.61
CA LEU A 369 -8.96 -4.59 24.42
C LEU A 369 -8.44 -3.89 25.66
N ARG A 370 -9.31 -3.56 26.62
CA ARG A 370 -8.84 -2.96 27.86
C ARG A 370 -8.52 -4.00 28.92
N LEU A 371 -8.70 -5.29 28.62
CA LEU A 371 -7.91 -6.31 29.30
C LEU A 371 -6.42 -6.17 28.96
N GLN A 372 -6.11 -5.68 27.76
CA GLN A 372 -4.72 -5.43 27.42
C GLN A 372 -4.17 -4.23 28.16
N ALA A 373 -5.00 -3.22 28.40
CA ALA A 373 -4.51 -2.08 29.13
C ALA A 373 -4.35 -2.37 30.61
N SER A 374 -5.30 -3.11 31.22
CA SER A 374 -5.18 -3.44 32.63
C SER A 374 -3.98 -4.37 32.89
N THR A 375 -3.72 -5.32 32.02
CA THR A 375 -2.65 -6.25 32.31
C THR A 375 -1.27 -5.68 31.94
N GLN A 376 -1.20 -4.41 31.57
CA GLN A 376 0.03 -3.81 31.09
C GLN A 376 0.61 -4.64 29.95
N GLY A 377 -0.25 -5.23 29.13
CA GLY A 377 0.19 -5.85 27.89
C GLY A 377 0.47 -7.34 27.97
N HIS A 378 -0.29 -8.10 28.74
CA HIS A 378 0.01 -9.51 28.94
C HIS A 378 -1.15 -10.42 28.59
N VAL A 379 -2.01 -9.96 27.69
CA VAL A 379 -2.92 -10.83 26.97
C VAL A 379 -2.64 -10.68 25.47
N ASP A 380 -3.25 -11.54 24.70
CA ASP A 380 -2.95 -11.66 23.27
C ASP A 380 -4.11 -11.09 22.45
N GLU A 381 -3.86 -9.94 21.82
CA GLU A 381 -4.90 -9.29 21.02
C GLU A 381 -5.50 -10.21 19.97
N THR A 382 -4.71 -11.02 19.29
CA THR A 382 -5.35 -11.66 18.16
C THR A 382 -6.16 -12.87 18.63
N THR A 383 -5.91 -13.36 19.86
CA THR A 383 -6.81 -14.34 20.49
C THR A 383 -8.13 -13.71 20.88
N LEU A 384 -8.09 -12.55 21.55
CA LEU A 384 -9.29 -11.75 21.74
C LEU A 384 -10.03 -11.59 20.42
N ALA A 385 -9.30 -11.27 19.36
CA ALA A 385 -9.90 -11.13 18.04
C ALA A 385 -10.55 -12.42 17.57
N ARG A 386 -9.96 -13.56 17.91
CA ARG A 386 -10.55 -14.81 17.44
C ARG A 386 -11.90 -15.07 18.11
N LEU A 387 -11.94 -14.96 19.45
CA LEU A 387 -13.18 -15.20 20.17
C LEU A 387 -14.31 -14.35 19.59
N VAL A 388 -14.03 -13.08 19.33
CA VAL A 388 -15.02 -12.21 18.75
C VAL A 388 -15.46 -12.70 17.36
N VAL A 389 -14.49 -13.00 16.49
CA VAL A 389 -14.83 -13.43 15.14
C VAL A 389 -15.57 -14.78 15.13
N GLN A 390 -15.29 -15.66 16.07
CA GLN A 390 -16.07 -16.89 16.15
C GLN A 390 -17.48 -16.63 16.65
N LYS A 391 -17.66 -15.67 17.53
CA LYS A 391 -18.99 -15.42 18.00
C LYS A 391 -19.78 -14.73 16.97
N ARG A 392 -19.29 -13.63 16.48
CA ARG A 392 -20.01 -12.87 15.50
C ARG A 392 -20.43 -13.61 14.30
N ALA A 393 -19.67 -14.61 13.93
CA ALA A 393 -19.92 -15.39 12.73
C ALA A 393 -20.84 -16.56 13.00
N THR A 394 -20.66 -17.23 14.13
CA THR A 394 -21.60 -18.28 14.49
C THR A 394 -22.99 -17.70 14.68
N LYS A 395 -23.10 -16.51 15.27
CA LYS A 395 -24.43 -15.94 15.42
C LYS A 395 -25.03 -15.61 14.07
N ALA A 396 -24.26 -14.95 13.21
CA ALA A 396 -24.79 -14.57 11.90
C ALA A 396 -25.28 -15.80 11.13
N ILE A 397 -24.46 -16.86 11.10
CA ILE A 397 -24.75 -18.03 10.27
C ILE A 397 -25.97 -18.77 10.80
N LEU A 398 -26.20 -18.75 12.11
CA LEU A 398 -27.43 -19.30 12.66
C LEU A 398 -28.63 -18.42 12.31
N LYS A 399 -28.62 -17.16 12.74
CA LYS A 399 -29.72 -16.27 12.37
C LYS A 399 -30.09 -16.39 10.89
N LYS A 400 -29.11 -16.44 9.99
CA LYS A 400 -29.48 -16.73 8.61
C LYS A 400 -30.07 -18.12 8.50
N LEU A 401 -29.41 -19.12 9.08
CA LEU A 401 -29.94 -20.48 9.06
C LEU A 401 -31.30 -20.62 9.73
N LEU A 402 -31.88 -19.52 10.20
CA LEU A 402 -33.25 -19.56 10.70
C LEU A 402 -34.22 -18.78 9.81
N GLU A 403 -33.92 -17.52 9.48
CA GLU A 403 -34.65 -16.74 8.47
C GLU A 403 -34.68 -17.45 7.12
N THR A 404 -33.91 -18.52 6.98
CA THR A 404 -33.78 -19.27 5.74
C THR A 404 -34.34 -20.68 5.88
N ALA A 405 -35.24 -20.92 6.83
CA ALA A 405 -36.03 -22.15 6.74
C ALA A 405 -37.14 -22.03 5.71
N ASP A 406 -37.48 -20.81 5.29
CA ASP A 406 -38.55 -20.54 4.35
C ASP A 406 -38.06 -20.50 2.91
N ARG A 407 -36.87 -19.96 2.66
CA ARG A 407 -36.21 -20.10 1.36
C ARG A 407 -35.27 -21.31 1.47
N PRO A 408 -35.80 -22.52 1.45
CA PRO A 408 -35.06 -23.66 2.02
C PRO A 408 -33.93 -24.20 1.12
N GLU A 409 -34.02 -24.01 -0.19
CA GLU A 409 -32.94 -24.44 -1.06
C GLU A 409 -31.83 -23.41 -1.10
N GLU A 410 -32.14 -22.17 -0.77
CA GLU A 410 -31.12 -21.18 -0.54
C GLU A 410 -30.46 -21.36 0.83
N GLN A 411 -31.15 -22.01 1.78
CA GLN A 411 -30.54 -22.32 3.07
C GLN A 411 -29.34 -23.23 2.89
N ALA A 412 -29.46 -24.19 1.97
CA ALA A 412 -28.48 -25.27 1.88
C ALA A 412 -27.07 -24.75 1.66
N VAL A 413 -26.92 -23.54 1.12
CA VAL A 413 -25.58 -23.01 0.90
C VAL A 413 -24.97 -22.52 2.20
N TRP A 414 -25.78 -21.94 3.09
CA TRP A 414 -25.28 -21.54 4.40
C TRP A 414 -25.05 -22.74 5.32
N ARG A 415 -25.81 -23.83 5.14
CA ARG A 415 -25.54 -25.05 5.90
C ARG A 415 -24.06 -25.34 5.91
N ALA A 416 -23.43 -25.33 4.74
CA ALA A 416 -22.04 -25.74 4.65
C ALA A 416 -21.09 -24.59 4.81
N ALA A 417 -21.41 -23.61 5.63
CA ALA A 417 -20.36 -22.72 6.09
C ALA A 417 -19.76 -23.21 7.41
N ILE A 418 -20.49 -24.05 8.13
CA ILE A 418 -20.07 -24.62 9.41
C ILE A 418 -20.08 -26.11 9.26
N GLU A 419 -18.94 -26.76 9.54
CA GLU A 419 -18.96 -28.22 9.52
C GLU A 419 -19.54 -28.76 10.82
N ARG A 420 -18.82 -28.57 11.92
CA ARG A 420 -19.19 -29.17 13.20
C ARG A 420 -19.26 -28.11 14.28
N LEU A 421 -20.30 -28.21 15.13
CA LEU A 421 -20.63 -27.23 16.15
C LEU A 421 -20.86 -27.96 17.47
N VAL A 422 -20.13 -27.59 18.51
CA VAL A 422 -20.31 -28.22 19.82
C VAL A 422 -21.01 -27.22 20.75
N ILE A 423 -22.24 -27.54 21.15
CA ILE A 423 -23.06 -26.69 22.00
C ILE A 423 -23.45 -27.49 23.24
N GLY A 424 -23.02 -27.01 24.42
CA GLY A 424 -23.13 -27.82 25.62
C GLY A 424 -22.29 -29.07 25.50
N ASN A 425 -22.95 -30.24 25.56
CA ASN A 425 -22.28 -31.52 25.39
C ASN A 425 -22.58 -32.19 24.07
N THR A 426 -23.70 -31.85 23.46
CA THR A 426 -24.05 -32.44 22.17
C THR A 426 -23.23 -31.80 21.05
N ALA A 427 -22.87 -32.59 20.03
CA ALA A 427 -22.05 -32.13 18.89
C ALA A 427 -22.81 -32.34 17.58
N TYR A 428 -22.78 -31.32 16.73
CA TYR A 428 -23.66 -31.24 15.56
C TYR A 428 -22.86 -31.21 14.26
N ASP A 429 -22.63 -32.38 13.66
CA ASP A 429 -21.98 -32.43 12.35
C ASP A 429 -23.03 -32.09 11.30
N LEU A 430 -23.02 -30.83 10.83
CA LEU A 430 -24.08 -30.32 9.96
C LEU A 430 -24.18 -31.08 8.65
N LYS A 431 -23.11 -31.73 8.20
CA LYS A 431 -23.19 -32.52 6.97
C LYS A 431 -24.24 -33.62 7.07
N ASP A 432 -24.42 -34.21 8.26
CA ASP A 432 -25.53 -35.14 8.52
C ASP A 432 -26.88 -34.46 8.33
N ASP A 433 -27.72 -35.07 7.50
CA ASP A 433 -29.11 -34.65 7.48
C ASP A 433 -29.75 -34.85 8.85
N GLU A 434 -29.24 -35.81 9.62
CA GLU A 434 -29.64 -36.03 11.00
C GLU A 434 -29.26 -34.85 11.87
N SER A 435 -27.96 -34.70 12.18
CA SER A 435 -27.52 -33.62 13.07
C SER A 435 -28.14 -32.29 12.67
N PHE A 436 -28.10 -31.97 11.38
CA PHE A 436 -28.60 -30.67 10.95
C PHE A 436 -30.06 -30.50 11.31
N ALA A 437 -30.85 -31.56 11.14
CA ALA A 437 -32.24 -31.48 11.57
C ALA A 437 -32.32 -31.01 13.02
N LYS A 438 -31.62 -31.72 13.91
CA LYS A 438 -31.61 -31.40 15.33
C LYS A 438 -31.13 -29.98 15.61
N LEU A 439 -30.10 -29.53 14.89
CA LEU A 439 -29.56 -28.19 15.11
C LEU A 439 -30.62 -27.13 14.88
N ILE A 440 -31.31 -27.17 13.73
CA ILE A 440 -32.43 -26.26 13.52
C ILE A 440 -33.57 -26.53 14.49
N GLU A 441 -33.60 -27.72 15.09
CA GLU A 441 -34.63 -28.00 16.10
C GLU A 441 -34.44 -27.05 17.28
N LEU A 442 -33.35 -27.20 18.05
CA LEU A 442 -33.15 -26.32 19.19
C LEU A 442 -33.01 -24.87 18.75
N ALA A 443 -32.70 -24.64 17.47
CA ALA A 443 -32.52 -23.29 16.96
C ALA A 443 -33.71 -22.39 17.29
N LYS A 444 -34.93 -22.93 17.19
CA LYS A 444 -36.16 -22.21 17.45
C LYS A 444 -36.57 -22.25 18.92
N LYS A 445 -36.40 -23.40 19.58
CA LYS A 445 -36.92 -23.58 20.92
C LYS A 445 -36.20 -22.74 21.97
N HIS A 446 -35.12 -22.04 21.61
CA HIS A 446 -34.33 -21.25 22.54
C HIS A 446 -33.91 -19.97 21.82
N PRO A 447 -33.77 -18.86 22.53
CA PRO A 447 -33.41 -17.60 21.85
C PRO A 447 -31.93 -17.57 21.49
N LEU A 448 -31.62 -16.74 20.49
CA LEU A 448 -30.31 -16.84 19.83
C LEU A 448 -29.17 -16.72 20.82
N GLU A 449 -29.16 -15.65 21.63
CA GLU A 449 -28.02 -15.35 22.47
C GLU A 449 -27.75 -16.43 23.50
N LYS A 450 -28.69 -17.34 23.71
CA LYS A 450 -28.43 -18.44 24.60
C LYS A 450 -27.78 -19.61 23.86
N VAL A 451 -28.21 -19.84 22.61
CA VAL A 451 -27.56 -20.87 21.81
C VAL A 451 -26.08 -20.52 21.61
N VAL A 452 -25.79 -19.24 21.34
CA VAL A 452 -24.42 -18.86 21.06
C VAL A 452 -23.61 -18.89 22.35
N LYS A 453 -24.21 -18.47 23.47
CA LYS A 453 -23.54 -18.48 24.77
C LYS A 453 -22.97 -19.86 25.08
N ASN A 454 -23.56 -20.91 24.50
CA ASN A 454 -23.19 -22.28 24.79
C ASN A 454 -22.31 -22.97 23.75
N VAL A 455 -22.04 -22.35 22.60
CA VAL A 455 -21.19 -23.05 21.64
C VAL A 455 -19.78 -23.08 22.21
N ARG A 456 -19.20 -24.27 22.29
CA ARG A 456 -17.88 -24.46 22.86
C ARG A 456 -16.80 -24.59 21.79
N GLU A 457 -17.13 -25.25 20.68
CA GLU A 457 -16.25 -25.26 19.53
C GLU A 457 -17.07 -24.82 18.33
N VAL A 458 -16.35 -24.40 17.30
CA VAL A 458 -16.96 -24.26 15.99
C VAL A 458 -15.85 -24.46 14.97
N GLN A 459 -16.15 -25.24 13.92
CA GLN A 459 -15.24 -25.42 12.80
C GLN A 459 -15.94 -25.00 11.51
N PHE A 460 -15.30 -24.10 10.75
CA PHE A 460 -15.90 -23.62 9.51
C PHE A 460 -15.44 -24.41 8.29
N SER A 461 -16.35 -24.48 7.31
CA SER A 461 -16.04 -24.96 5.96
C SER A 461 -14.81 -24.32 5.37
N GLU A 462 -14.20 -25.02 4.41
CA GLU A 462 -13.36 -24.29 3.47
C GLU A 462 -14.17 -23.34 2.60
N LYS A 463 -15.51 -23.40 2.62
CA LYS A 463 -16.32 -22.60 1.70
C LYS A 463 -16.60 -21.17 2.18
N VAL A 464 -16.54 -20.90 3.48
CA VAL A 464 -16.89 -19.58 4.00
C VAL A 464 -15.64 -18.73 4.07
N THR A 465 -15.70 -17.50 3.57
CA THR A 465 -14.55 -16.61 3.66
C THR A 465 -14.97 -15.51 4.63
N LEU A 466 -14.29 -15.42 5.76
CA LEU A 466 -14.67 -14.51 6.82
C LEU A 466 -13.74 -13.32 6.76
N SER A 467 -14.28 -12.16 7.12
CA SER A 467 -13.59 -10.88 7.13
C SER A 467 -14.03 -10.16 8.38
N ASP A 468 -13.53 -8.93 8.56
CA ASP A 468 -13.92 -8.18 9.75
C ASP A 468 -15.41 -7.85 9.73
N LYS A 469 -16.01 -7.68 8.54
CA LYS A 469 -17.32 -7.06 8.35
C LYS A 469 -18.38 -8.01 7.79
N TYR A 470 -18.04 -8.92 6.87
CA TYR A 470 -19.03 -9.82 6.29
C TYR A 470 -18.58 -11.28 6.39
N ALA A 471 -19.53 -12.18 6.17
CA ALA A 471 -19.25 -13.58 5.86
C ALA A 471 -19.74 -13.85 4.44
N PHE A 472 -18.82 -14.16 3.52
CA PHE A 472 -19.16 -14.54 2.16
C PHE A 472 -19.16 -16.06 2.03
N VAL A 473 -20.08 -16.59 1.22
CA VAL A 473 -20.15 -18.01 0.91
C VAL A 473 -20.60 -18.09 -0.55
N PRO A 474 -20.12 -19.05 -1.37
CA PRO A 474 -20.42 -19.00 -2.80
C PRO A 474 -21.86 -19.38 -3.11
N ALA A 475 -22.35 -18.90 -4.26
CA ALA A 475 -23.78 -19.00 -4.57
C ALA A 475 -24.18 -20.40 -4.95
N SER A 476 -23.53 -20.98 -5.96
CA SER A 476 -23.78 -22.35 -6.36
C SER A 476 -22.53 -23.18 -6.12
N ASN A 477 -22.74 -24.38 -5.55
CA ASN A 477 -21.68 -25.36 -5.40
C ASN A 477 -21.22 -25.95 -6.73
N GLN A 478 -21.95 -25.67 -7.82
CA GLN A 478 -21.67 -26.32 -9.10
C GLN A 478 -20.24 -26.02 -9.59
N GLY A 479 -19.86 -24.75 -9.67
CA GLY A 479 -18.56 -24.38 -10.17
C GLY A 479 -17.51 -24.38 -9.06
N ARG A 480 -16.31 -23.92 -9.42
CA ARG A 480 -15.19 -23.84 -8.48
C ARG A 480 -14.43 -22.55 -8.71
N ILE A 481 -14.08 -21.87 -7.62
CA ILE A 481 -13.57 -20.50 -7.66
C ILE A 481 -12.09 -20.54 -7.32
N PHE A 482 -11.25 -20.42 -8.34
CA PHE A 482 -9.81 -20.61 -8.15
C PHE A 482 -9.10 -19.41 -7.55
N LEU A 483 -9.62 -18.83 -6.48
CA LEU A 483 -8.78 -17.89 -5.75
C LEU A 483 -8.98 -18.00 -4.25
N SER A 484 -7.89 -17.68 -3.54
CA SER A 484 -7.78 -17.78 -2.09
C SER A 484 -8.78 -16.85 -1.38
N HIS A 485 -8.99 -17.14 -0.09
CA HIS A 485 -9.90 -16.34 0.72
C HIS A 485 -9.46 -14.88 0.74
N LEU A 486 -8.15 -14.62 0.88
CA LEU A 486 -7.72 -13.22 0.96
C LEU A 486 -8.19 -12.44 -0.24
N ARG A 487 -8.07 -13.05 -1.42
CA ARG A 487 -8.40 -12.39 -2.67
C ARG A 487 -9.91 -12.27 -2.87
N ARG A 488 -10.71 -13.27 -2.44
CA ARG A 488 -12.15 -13.11 -2.55
C ARG A 488 -12.60 -11.88 -1.78
N GLU A 489 -12.18 -11.76 -0.52
CA GLU A 489 -12.46 -10.55 0.26
C GLU A 489 -11.93 -9.30 -0.46
N ASN A 490 -10.71 -9.37 -0.99
CA ASN A 490 -10.14 -8.24 -1.73
C ASN A 490 -11.03 -7.81 -2.88
N ILE A 491 -11.35 -8.76 -3.75
CA ILE A 491 -12.04 -8.42 -4.99
C ILE A 491 -13.51 -8.15 -4.76
N TYR A 492 -14.13 -8.92 -3.86
CA TYR A 492 -15.57 -9.05 -3.84
C TYR A 492 -16.29 -8.20 -2.81
N ARG A 493 -15.57 -7.65 -1.83
CA ARG A 493 -16.19 -6.81 -0.81
C ARG A 493 -16.35 -5.34 -1.23
N THR A 494 -15.58 -4.94 -2.24
CA THR A 494 -15.63 -3.57 -2.73
C THR A 494 -16.98 -3.27 -3.38
N PRO A 495 -17.54 -2.07 -3.15
CA PRO A 495 -18.74 -1.65 -3.89
C PRO A 495 -18.39 -1.15 -5.29
N THR A 496 -18.99 -1.79 -6.30
CA THR A 496 -18.92 -1.36 -7.69
C THR A 496 -20.34 -1.16 -8.20
N GLN A 497 -20.47 -0.41 -9.27
CA GLN A 497 -21.79 -0.28 -9.86
C GLN A 497 -22.02 -1.45 -10.82
N ARG A 498 -23.21 -1.53 -11.39
CA ARG A 498 -23.61 -2.68 -12.20
C ARG A 498 -22.63 -3.01 -13.23
N PRO A 499 -22.15 -4.25 -13.08
CA PRO A 499 -21.15 -5.04 -13.76
C PRO A 499 -21.50 -5.31 -15.19
N LEU A 500 -20.50 -5.08 -16.01
CA LEU A 500 -20.58 -5.31 -17.43
C LEU A 500 -20.22 -6.75 -17.72
N SER A 501 -20.29 -7.11 -19.01
CA SER A 501 -19.90 -8.44 -19.46
C SER A 501 -19.24 -8.28 -20.80
N LEU A 502 -17.97 -8.62 -20.87
CA LEU A 502 -17.17 -8.49 -22.06
C LEU A 502 -16.66 -9.85 -22.49
N LYS A 503 -16.52 -10.04 -23.79
CA LYS A 503 -16.03 -11.29 -24.32
C LYS A 503 -14.51 -11.30 -24.25
N VAL A 504 -13.95 -12.43 -23.84
CA VAL A 504 -12.52 -12.66 -23.94
C VAL A 504 -12.26 -13.63 -25.08
N ALA A 505 -11.33 -13.28 -25.95
CA ALA A 505 -10.88 -14.20 -26.98
C ALA A 505 -9.58 -13.63 -27.52
N GLU A 506 -8.94 -14.40 -28.39
CA GLU A 506 -7.62 -14.04 -28.92
C GLU A 506 -7.69 -13.49 -30.34
N GLU A 507 -8.72 -13.89 -31.10
CA GLU A 507 -8.93 -13.41 -32.46
C GLU A 507 -10.40 -13.07 -32.60
N GLY A 508 -10.71 -11.85 -33.01
CA GLY A 508 -12.10 -11.48 -33.17
C GLY A 508 -12.50 -10.24 -32.37
N GLU A 509 -13.73 -10.22 -31.87
CA GLU A 509 -14.19 -9.10 -31.06
C GLU A 509 -14.29 -9.52 -29.60
N GLY A 510 -13.58 -8.80 -28.73
CA GLY A 510 -13.55 -9.14 -27.32
C GLY A 510 -12.31 -8.57 -26.65
N VAL A 511 -11.98 -9.13 -25.48
CA VAL A 511 -10.82 -8.69 -24.70
C VAL A 511 -9.73 -9.74 -24.81
N ARG A 512 -8.50 -9.28 -25.02
CA ARG A 512 -7.35 -10.15 -25.18
C ARG A 512 -6.48 -10.11 -23.94
N LEU A 513 -5.79 -11.22 -23.65
CA LEU A 513 -5.07 -11.46 -22.39
C LEU A 513 -3.58 -11.59 -22.64
N LYS A 514 -2.87 -10.48 -22.70
CA LYS A 514 -1.43 -10.61 -22.93
C LYS A 514 -0.74 -11.14 -21.68
N GLU A 515 0.47 -11.65 -21.87
CA GLU A 515 1.31 -12.18 -20.79
C GLU A 515 2.62 -11.37 -20.78
N GLU A 517 5.53 -8.68 -18.44
CA GLU A 517 6.18 -8.42 -17.17
C GLU A 517 5.16 -8.17 -16.08
N GLU A 518 5.45 -8.55 -14.85
CA GLU A 518 4.52 -8.18 -13.78
C GLU A 518 4.64 -6.68 -13.50
N LYS A 519 3.48 -6.04 -13.27
CA LYS A 519 3.35 -4.58 -13.07
C LYS A 519 3.77 -3.75 -14.30
N ALA A 520 3.82 -4.34 -15.50
CA ALA A 520 4.42 -3.64 -16.64
C ALA A 520 3.69 -2.34 -16.97
N LEU A 521 2.38 -2.25 -16.68
CA LEU A 521 1.61 -1.01 -16.80
C LEU A 521 1.58 -0.19 -15.51
N GLY A 522 2.54 -0.36 -14.61
CA GLY A 522 2.48 0.22 -13.28
C GLY A 522 1.78 -0.71 -12.30
N ASP A 523 2.04 -0.47 -10.99
CA ASP A 523 1.66 -1.47 -9.98
C ASP A 523 0.17 -1.73 -9.92
N GLY A 524 -0.61 -0.84 -9.33
CA GLY A 524 -2.04 -1.12 -9.31
C GLY A 524 -2.78 -1.29 -10.64
N ALA A 525 -2.08 -1.27 -11.78
CA ALA A 525 -2.72 -1.23 -13.08
C ALA A 525 -2.63 -2.58 -13.77
N LEU A 526 -3.72 -2.96 -14.44
CA LEU A 526 -3.81 -4.31 -14.95
C LEU A 526 -4.41 -4.41 -16.36
N GLY A 527 -4.61 -3.32 -17.06
CA GLY A 527 -5.15 -3.41 -18.42
C GLY A 527 -5.35 -2.05 -19.05
N ILE A 528 -5.41 -2.07 -20.38
CA ILE A 528 -5.71 -0.90 -21.20
C ILE A 528 -6.86 -1.25 -22.11
N LEU A 529 -8.05 -0.73 -21.84
CA LEU A 529 -9.16 -0.93 -22.77
C LEU A 529 -9.76 0.40 -23.21
N ARG A 530 -10.64 0.33 -24.25
CA ARG A 530 -11.21 1.53 -24.87
C ARG A 530 -12.45 2.00 -24.11
N PRO A 531 -12.62 3.33 -23.97
CA PRO A 531 -13.81 3.84 -23.25
C PRO A 531 -15.10 3.25 -23.75
N GLN A 532 -15.20 3.07 -25.06
CA GLN A 532 -16.41 2.57 -25.69
C GLN A 532 -16.76 1.17 -25.19
N SER A 533 -15.75 0.32 -24.99
CA SER A 533 -16.01 -1.09 -24.72
C SER A 533 -16.59 -1.32 -23.33
N LEU A 534 -16.23 -0.50 -22.35
CA LEU A 534 -16.95 -0.56 -21.09
C LEU A 534 -17.91 0.60 -20.90
N GLY A 535 -18.43 1.13 -22.00
CA GLY A 535 -19.66 1.89 -21.92
C GLY A 535 -19.53 3.30 -21.42
N LEU A 536 -18.37 3.88 -21.51
CA LEU A 536 -18.19 5.25 -21.03
C LEU A 536 -18.59 6.27 -22.07
N PRO A 537 -19.11 7.44 -21.61
CA PRO A 537 -19.21 8.60 -22.50
C PRO A 537 -18.05 8.67 -23.48
N GLU A 538 -18.45 8.80 -24.74
CA GLU A 538 -17.59 8.87 -25.93
C GLU A 538 -16.21 9.45 -25.65
N ASP A 539 -15.20 8.72 -26.11
CA ASP A 539 -13.79 9.14 -26.09
C ASP A 539 -13.33 9.74 -24.74
N TYR A 540 -13.83 9.15 -23.64
CA TYR A 540 -13.17 9.38 -22.36
C TYR A 540 -11.69 9.02 -22.48
N THR A 541 -10.86 9.69 -21.68
CA THR A 541 -9.42 9.47 -21.73
C THR A 541 -8.89 9.67 -20.31
N GLY A 542 -8.89 8.59 -19.53
CA GLY A 542 -8.32 8.62 -18.19
C GLY A 542 -8.01 7.23 -17.68
N VAL A 543 -8.41 6.96 -16.43
CA VAL A 543 -8.21 5.66 -15.80
C VAL A 543 -9.42 5.40 -14.90
N VAL A 544 -9.85 4.15 -14.83
CA VAL A 544 -11.04 3.81 -14.06
C VAL A 544 -10.77 2.54 -13.26
N GLN A 545 -11.25 2.54 -12.02
CA GLN A 545 -10.93 1.54 -11.01
C GLN A 545 -12.02 0.48 -10.96
N VAL A 546 -11.65 -0.76 -11.25
CA VAL A 546 -12.59 -1.85 -11.47
C VAL A 546 -12.35 -2.96 -10.44
N ARG A 547 -13.24 -3.95 -10.46
CA ARG A 547 -13.23 -5.15 -9.60
C ARG A 547 -13.83 -6.28 -10.43
N GLY A 548 -13.11 -6.76 -11.41
CA GLY A 548 -13.62 -7.78 -12.29
C GLY A 548 -13.23 -9.20 -11.90
N GLU A 549 -13.92 -10.13 -12.54
CA GLU A 549 -13.67 -11.57 -12.44
C GLU A 549 -13.58 -12.12 -13.86
N LEU A 550 -13.11 -13.37 -13.98
CA LEU A 550 -12.81 -13.97 -15.28
C LEU A 550 -13.37 -15.39 -15.27
N ALA A 551 -14.57 -15.58 -15.81
CA ALA A 551 -15.33 -16.78 -15.53
C ALA A 551 -15.71 -17.52 -16.81
N ASP A 552 -16.54 -18.56 -16.66
CA ASP A 552 -17.02 -19.31 -17.80
C ASP A 552 -18.51 -19.58 -17.61
N PRO A 553 -19.24 -20.01 -18.65
CA PRO A 553 -20.67 -20.26 -18.49
C PRO A 553 -21.00 -21.22 -17.36
N GLU A 554 -20.10 -22.17 -17.04
CA GLU A 554 -20.42 -23.20 -16.05
C GLU A 554 -20.27 -22.71 -14.62
N GLY A 555 -19.84 -21.47 -14.41
CA GLY A 555 -19.73 -20.94 -13.07
C GLY A 555 -18.36 -21.04 -12.45
N ASN A 556 -17.36 -21.50 -13.20
CA ASN A 556 -15.98 -21.42 -12.73
C ASN A 556 -15.42 -20.04 -13.05
N VAL A 557 -14.65 -19.50 -12.10
CA VAL A 557 -14.00 -18.22 -12.21
C VAL A 557 -12.50 -18.43 -11.99
N TYR A 558 -11.68 -18.11 -13.00
CA TYR A 558 -10.27 -18.50 -12.99
C TYR A 558 -9.33 -17.40 -12.50
N ALA A 559 -9.68 -16.13 -12.65
CA ALA A 559 -8.87 -15.05 -12.09
C ALA A 559 -9.79 -13.91 -11.74
N GLY A 560 -9.42 -13.16 -10.72
CA GLY A 560 -10.24 -12.06 -10.31
C GLY A 560 -9.34 -10.88 -10.48
N LEU A 561 -9.89 -9.67 -10.66
CA LEU A 561 -8.99 -8.56 -10.90
C LEU A 561 -9.33 -7.40 -9.98
N LYS A 562 -8.28 -6.75 -9.48
CA LYS A 562 -8.40 -5.63 -8.57
C LYS A 562 -7.28 -4.64 -8.86
N GLY A 563 -7.67 -3.40 -9.10
CA GLY A 563 -6.80 -2.35 -9.55
C GLY A 563 -7.56 -1.50 -10.53
N THR A 564 -6.82 -0.77 -11.35
CA THR A 564 -7.39 0.10 -12.36
C THR A 564 -7.07 -0.42 -13.74
N VAL A 565 -7.83 0.06 -14.71
CA VAL A 565 -7.48 -0.06 -16.10
C VAL A 565 -7.19 1.33 -16.64
N ILE A 566 -6.58 1.39 -17.81
CA ILE A 566 -6.34 2.66 -18.47
C ILE A 566 -7.27 2.76 -19.67
N VAL A 567 -8.18 3.70 -19.62
CA VAL A 567 -9.15 3.90 -20.69
C VAL A 567 -8.57 4.85 -21.72
N ASP A 568 -8.70 4.51 -23.01
CA ASP A 568 -8.15 5.31 -24.09
C ASP A 568 -8.60 4.86 -25.47
N PRO A 569 -9.21 5.74 -26.26
CA PRO A 569 -9.61 5.32 -27.62
C PRO A 569 -8.43 5.17 -28.56
N ARG A 570 -7.33 5.87 -28.34
CA ARG A 570 -6.12 5.75 -29.17
C ARG A 570 -5.45 4.36 -29.19
N ALA A 571 -5.83 3.41 -28.34
CA ALA A 571 -5.24 2.08 -28.39
C ALA A 571 -6.17 1.18 -29.18
N LYS A 572 -5.63 0.21 -29.88
CA LYS A 572 -6.47 -0.62 -30.70
C LYS A 572 -7.33 -1.65 -30.03
N GLU A 573 -6.74 -2.40 -29.13
CA GLU A 573 -7.47 -3.51 -28.53
C GLU A 573 -7.67 -3.40 -27.05
N ASP A 574 -8.70 -4.09 -26.59
CA ASP A 574 -9.00 -4.10 -25.22
C ASP A 574 -8.21 -5.26 -24.70
N PHE A 575 -7.24 -5.00 -23.84
CA PHE A 575 -6.44 -6.07 -23.30
C PHE A 575 -6.09 -5.96 -21.85
N LEU A 576 -6.08 -7.09 -21.20
CA LEU A 576 -5.83 -7.24 -19.79
C LEU A 576 -4.56 -7.98 -19.67
N ASN A 577 -3.71 -7.60 -18.75
CA ASN A 577 -2.48 -8.30 -18.55
C ASN A 577 -2.78 -9.43 -17.61
N LEU A 578 -2.35 -10.62 -17.92
CA LEU A 578 -2.73 -11.78 -17.11
C LEU A 578 -1.93 -11.85 -15.82
N ASN A 579 -0.62 -11.55 -15.90
CA ASN A 579 0.27 -11.58 -14.75
C ASN A 579 -0.04 -10.55 -13.66
N ASP A 580 -1.08 -9.73 -13.85
CA ASP A 580 -1.52 -8.75 -12.88
C ASP A 580 -2.86 -9.12 -12.27
N LEU A 581 -3.39 -10.28 -12.64
CA LEU A 581 -4.64 -10.79 -12.10
C LEU A 581 -4.34 -11.76 -10.96
N TYR A 582 -5.30 -11.93 -10.07
CA TYR A 582 -5.09 -12.79 -8.92
C TYR A 582 -5.66 -14.14 -9.28
N ARG A 583 -4.80 -15.14 -9.43
CA ARG A 583 -5.28 -16.47 -9.81
C ARG A 583 -4.51 -17.55 -9.04
N GLY A 584 -5.21 -18.63 -8.74
CA GLY A 584 -4.58 -19.80 -8.17
C GLY A 584 -4.12 -19.63 -6.75
N ASP A 585 -3.13 -20.47 -6.38
CA ASP A 585 -2.54 -20.52 -5.04
C ASP A 585 -3.60 -20.87 -3.99
N THR A 586 -4.37 -21.91 -4.28
CA THR A 586 -5.49 -22.21 -3.41
C THR A 586 -5.85 -23.66 -3.63
N VAL A 587 -6.83 -24.15 -2.88
CA VAL A 587 -7.07 -25.57 -2.77
C VAL A 587 -8.50 -25.84 -3.19
N VAL A 588 -8.66 -26.41 -4.38
CA VAL A 588 -9.94 -26.82 -4.94
C VAL A 588 -9.99 -28.35 -4.94
N ASP A 589 -10.90 -28.93 -4.15
CA ASP A 589 -11.10 -30.38 -4.14
C ASP A 589 -9.84 -31.11 -3.66
N GLY A 590 -9.18 -30.53 -2.66
CA GLY A 590 -8.09 -31.17 -1.97
C GLY A 590 -6.71 -30.93 -2.56
N LYS A 591 -6.65 -30.52 -3.82
CA LYS A 591 -5.39 -30.21 -4.48
C LYS A 591 -5.13 -28.70 -4.42
N LYS A 592 -3.89 -28.32 -4.18
CA LYS A 592 -3.51 -26.94 -4.44
C LYS A 592 -3.30 -26.77 -5.93
N TYR A 593 -3.90 -25.73 -6.48
CA TYR A 593 -3.64 -25.32 -7.85
C TYR A 593 -2.73 -24.09 -7.76
N THR A 594 -1.54 -24.20 -8.34
CA THR A 594 -0.61 -23.08 -8.40
C THR A 594 -1.03 -22.06 -9.45
N LYS A 595 -0.54 -20.84 -9.31
CA LYS A 595 -0.69 -19.81 -10.32
C LYS A 595 -0.52 -20.43 -11.70
N GLU A 596 0.61 -21.10 -11.90
CA GLU A 596 0.92 -21.70 -13.19
C GLU A 596 -0.13 -22.70 -13.62
N GLU A 597 -0.64 -23.51 -12.67
CA GLU A 597 -1.61 -24.53 -13.05
C GLU A 597 -2.91 -23.91 -13.52
N VAL A 598 -3.34 -22.80 -12.91
CA VAL A 598 -4.57 -22.16 -13.35
C VAL A 598 -4.34 -21.44 -14.67
N ASP A 599 -3.20 -20.77 -14.81
CA ASP A 599 -2.88 -20.10 -16.08
C ASP A 599 -2.98 -21.05 -17.27
N ALA A 600 -2.67 -22.34 -17.07
CA ALA A 600 -2.89 -23.32 -18.13
C ALA A 600 -4.36 -23.45 -18.46
N LEU A 601 -5.20 -23.55 -17.43
CA LEU A 601 -6.63 -23.76 -17.63
C LEU A 601 -7.27 -22.61 -18.39
N ILE A 602 -6.77 -21.39 -18.19
CA ILE A 602 -7.34 -20.24 -18.88
C ILE A 602 -7.04 -20.31 -20.36
N ARG A 603 -5.76 -20.43 -20.72
CA ARG A 603 -5.36 -20.50 -22.13
C ARG A 603 -6.11 -21.59 -22.88
N GLU A 604 -6.61 -22.60 -22.18
CA GLU A 604 -7.34 -23.65 -22.85
C GLU A 604 -8.80 -23.24 -23.05
N LYS A 605 -9.42 -22.58 -22.05
CA LYS A 605 -10.78 -22.06 -22.21
C LYS A 605 -10.80 -20.93 -23.21
N LEU A 606 -9.87 -20.00 -23.08
CA LEU A 606 -9.76 -18.85 -23.98
C LEU A 606 -9.73 -19.26 -25.44
N LYS A 607 -8.99 -20.32 -25.78
CA LYS A 607 -8.92 -20.82 -27.14
C LYS A 607 -10.27 -21.32 -27.64
N THR A 608 -11.09 -21.86 -26.73
CA THR A 608 -12.40 -22.39 -27.09
C THR A 608 -13.49 -21.33 -27.20
N GLY A 609 -13.12 -20.07 -27.02
CA GLY A 609 -14.08 -18.97 -27.11
C GLY A 609 -15.21 -19.06 -26.11
N ALA A 610 -14.91 -19.52 -24.90
CA ALA A 610 -15.90 -19.66 -23.84
C ALA A 610 -15.23 -19.15 -22.56
N LEU A 611 -15.01 -17.84 -22.50
CA LEU A 611 -14.35 -17.23 -21.36
C LEU A 611 -14.74 -15.76 -21.40
N GLN A 612 -15.46 -15.30 -20.37
CA GLN A 612 -15.92 -13.93 -20.32
C GLN A 612 -15.16 -13.15 -19.27
N LEU A 613 -15.52 -11.89 -19.13
CA LEU A 613 -14.95 -11.00 -18.14
C LEU A 613 -16.08 -10.19 -17.52
N ASN A 614 -16.47 -10.49 -16.30
CA ASN A 614 -17.46 -9.69 -15.61
C ASN A 614 -16.74 -8.64 -14.79
N LEU A 615 -16.97 -7.38 -15.15
CA LEU A 615 -16.21 -6.24 -14.65
C LEU A 615 -17.15 -5.19 -14.09
N GLY A 616 -16.86 -4.71 -12.89
CA GLY A 616 -17.67 -3.69 -12.27
C GLY A 616 -16.85 -2.43 -12.03
N ILE A 617 -17.37 -1.30 -12.49
CA ILE A 617 -16.69 -0.03 -12.27
C ILE A 617 -16.94 0.46 -10.84
N HIS A 618 -15.91 1.01 -10.23
CA HIS A 618 -15.98 1.50 -8.87
C HIS A 618 -15.79 2.99 -8.71
N ARG A 619 -14.99 3.62 -9.58
CA ARG A 619 -14.81 5.05 -9.60
C ARG A 619 -14.20 5.40 -10.94
N VAL A 620 -14.81 6.33 -11.66
CA VAL A 620 -14.26 6.83 -12.93
C VAL A 620 -13.50 8.12 -12.63
N SER A 621 -12.29 8.23 -13.16
CA SER A 621 -11.44 9.36 -12.81
C SER A 621 -12.00 10.65 -13.42
N THR A 622 -12.53 11.52 -12.57
CA THR A 622 -12.81 12.89 -12.94
C THR A 622 -11.58 13.70 -12.59
N VAL A 623 -11.66 15.02 -12.84
CA VAL A 623 -10.72 16.00 -12.30
C VAL A 623 -11.56 16.96 -11.45
N GLU A 624 -11.45 16.83 -10.14
CA GLU A 624 -12.32 17.54 -9.21
C GLU A 624 -11.49 18.30 -8.19
N GLU A 625 -12.07 19.37 -7.62
CA GLU A 625 -11.31 20.29 -6.78
C GLU A 625 -11.12 19.76 -5.36
N ALA A 626 -10.25 20.45 -4.61
CA ALA A 626 -9.89 20.02 -3.25
C ALA A 626 -9.56 21.20 -2.34
N GLU A 694 -6.38 25.57 -1.92
CA GLU A 694 -6.97 25.27 -3.21
C GLU A 694 -6.54 23.86 -3.67
N GLY A 695 -6.37 23.64 -4.97
CA GLY A 695 -5.88 22.39 -5.51
C GLY A 695 -6.95 21.63 -6.30
N GLN A 696 -6.48 20.79 -7.23
CA GLN A 696 -7.33 19.81 -7.88
C GLN A 696 -6.63 18.45 -7.83
N TYR A 697 -7.41 17.39 -8.09
CA TYR A 697 -6.84 16.06 -8.06
C TYR A 697 -7.58 15.13 -9.02
N SER A 698 -6.85 14.12 -9.52
CA SER A 698 -7.46 12.92 -10.10
C SER A 698 -6.50 11.74 -9.88
N ALA A 700 -3.85 8.46 -10.51
CA ALA A 700 -2.47 8.43 -10.97
C ALA A 700 -2.21 7.23 -11.88
N ALA A 701 -1.64 7.49 -13.05
CA ALA A 701 -1.23 6.45 -13.97
C ALA A 701 0.29 6.40 -14.04
N SER A 702 0.82 5.22 -14.39
CA SER A 702 2.25 5.09 -14.58
C SER A 702 2.60 5.45 -16.01
N HIS A 703 3.74 6.11 -16.19
CA HIS A 703 4.17 6.46 -17.53
C HIS A 703 4.50 5.23 -18.34
N THR A 704 4.89 4.15 -17.69
CA THR A 704 5.17 2.90 -18.39
C THR A 704 3.98 2.37 -19.15
N ALA A 705 2.76 2.79 -18.79
CA ALA A 705 1.59 2.35 -19.53
C ALA A 705 1.31 3.27 -20.69
N TYR A 706 2.37 3.83 -21.27
CA TYR A 706 2.22 4.76 -22.38
C TYR A 706 3.32 4.61 -23.42
N LYS A 707 4.32 3.75 -23.19
CA LYS A 707 5.31 3.45 -24.21
C LYS A 707 4.65 3.12 -25.55
N GLU A 708 3.49 2.46 -25.50
CA GLU A 708 2.73 2.14 -26.71
C GLU A 708 2.00 3.37 -27.20
N LEU A 709 0.87 3.69 -26.59
CA LEU A 709 0.06 4.84 -27.00
C LEU A 709 0.61 6.10 -26.33
N ASP A 710 0.79 7.15 -27.11
CA ASP A 710 1.42 8.38 -26.64
C ASP A 710 2.82 8.18 -26.03
N PRO A 711 3.79 7.69 -26.80
CA PRO A 711 5.14 7.47 -26.24
C PRO A 711 5.89 8.74 -25.95
N GLU A 712 5.37 9.91 -26.31
CA GLU A 712 5.99 11.13 -25.81
C GLU A 712 5.89 11.18 -24.29
N ILE A 713 4.69 10.96 -23.75
CA ILE A 713 4.48 10.85 -22.31
C ILE A 713 5.46 9.85 -21.70
N TYR A 714 5.54 8.65 -22.28
CA TYR A 714 6.51 7.68 -21.82
C TYR A 714 7.91 8.27 -21.81
N ARG A 715 8.41 8.66 -22.98
CA ARG A 715 9.82 9.04 -23.07
C ARG A 715 10.11 10.28 -22.22
N LEU A 716 9.16 11.22 -22.15
CA LEU A 716 9.31 12.42 -21.31
C LEU A 716 9.77 12.10 -19.90
N LEU A 717 8.90 11.43 -19.12
CA LEU A 717 9.11 11.04 -17.72
C LEU A 717 10.14 9.92 -17.55
N GLU A 718 10.66 9.37 -18.65
CA GLU A 718 11.74 8.40 -18.60
C GLU A 718 13.11 9.05 -18.37
N GLU A 719 13.30 10.29 -18.79
CA GLU A 719 14.67 10.82 -18.82
C GLU A 719 15.06 11.58 -17.58
N GLY A 720 14.73 11.06 -16.41
CA GLY A 720 15.30 11.56 -15.18
C GLY A 720 14.48 12.60 -14.41
N VAL A 721 14.95 12.87 -13.18
CA VAL A 721 14.47 13.94 -12.32
C VAL A 721 15.66 14.73 -11.86
N GLU A 722 15.47 16.03 -11.66
CA GLU A 722 16.55 16.92 -11.25
C GLU A 722 16.35 17.44 -9.84
N LEU A 723 17.41 17.35 -9.05
CA LEU A 723 17.48 17.99 -7.75
C LEU A 723 17.74 19.48 -7.94
N ASP A 724 16.96 20.32 -7.26
CA ASP A 724 17.17 21.76 -7.40
C ASP A 724 18.39 22.15 -6.57
N ALA A 725 18.60 23.47 -6.41
CA ALA A 725 19.81 23.97 -5.75
C ALA A 725 19.78 23.72 -4.26
N GLU A 726 18.61 23.40 -3.72
CA GLU A 726 18.49 23.15 -2.30
C GLU A 726 18.23 21.69 -1.99
N GLY A 727 18.08 20.86 -3.02
CA GLY A 727 17.94 19.43 -2.82
C GLY A 727 16.54 18.91 -2.96
N ARG A 728 15.57 19.77 -3.26
CA ARG A 728 14.16 19.39 -3.43
C ARG A 728 13.87 18.86 -4.82
N PRO A 729 13.74 17.54 -5.01
CA PRO A 729 13.48 16.98 -6.35
C PRO A 729 12.28 17.62 -7.05
N ILE A 730 12.42 17.78 -8.36
CA ILE A 730 11.38 18.32 -9.21
C ILE A 730 11.01 17.22 -10.19
N VAL A 731 9.77 16.74 -10.13
CA VAL A 731 9.41 15.47 -10.75
C VAL A 731 8.54 15.76 -11.97
N PRO A 732 8.80 15.12 -13.09
CA PRO A 732 7.94 15.30 -14.27
C PRO A 732 6.59 14.65 -14.04
N ILE A 733 5.52 15.43 -14.24
CA ILE A 733 4.17 14.92 -14.35
C ILE A 733 3.61 15.31 -15.71
N VAL A 734 2.42 14.79 -16.00
CA VAL A 734 1.68 15.12 -17.22
C VAL A 734 0.22 15.23 -16.82
N ILE A 735 -0.38 16.39 -17.04
CA ILE A 735 -1.72 16.65 -16.55
C ILE A 735 -2.63 16.93 -17.73
N GLY A 736 -3.92 17.04 -17.45
CA GLY A 736 -4.92 17.27 -18.48
C GLY A 736 -5.14 18.76 -18.79
N LYS A 737 -6.05 18.99 -19.73
CA LYS A 737 -6.46 20.34 -20.10
C LYS A 737 -7.22 21.00 -18.94
N GLU A 738 -8.39 20.47 -18.58
CA GLU A 738 -9.17 20.95 -17.44
C GLU A 738 -8.32 21.36 -16.24
N ALA A 740 -5.03 21.73 -15.93
CA ALA A 740 -4.07 22.79 -16.25
C ALA A 740 -4.73 24.17 -16.29
N ALA A 741 -5.96 24.24 -16.78
CA ALA A 741 -6.75 25.46 -16.64
C ALA A 741 -6.90 25.82 -15.18
N LYS A 742 -7.80 25.12 -14.46
CA LYS A 742 -8.28 25.58 -13.16
C LYS A 742 -7.14 25.91 -12.21
N LEU A 743 -5.98 25.30 -12.42
CA LEU A 743 -4.80 25.52 -11.57
C LEU A 743 -3.75 26.48 -12.16
N GLY A 744 -4.09 27.15 -13.26
CA GLY A 744 -3.20 28.10 -13.91
C GLY A 744 -1.82 27.62 -14.33
N LEU A 745 -1.74 26.43 -14.92
CA LEU A 745 -0.43 25.90 -15.33
C LEU A 745 -0.27 25.59 -16.84
N LYS A 746 0.93 25.86 -17.33
CA LYS A 746 1.33 25.60 -18.71
C LYS A 746 2.69 24.90 -18.70
N GLU A 747 3.01 24.27 -19.82
CA GLU A 747 4.19 23.41 -19.91
C GLU A 747 5.41 24.15 -19.40
N GLY A 748 6.17 23.48 -18.53
CA GLY A 748 7.32 24.07 -17.88
C GLY A 748 7.04 24.62 -16.50
N ASP A 749 5.78 24.92 -16.17
CA ASP A 749 5.41 25.44 -14.85
C ASP A 749 5.75 24.46 -13.73
N ILE A 750 6.37 24.98 -12.67
CA ILE A 750 6.62 24.19 -11.48
C ILE A 750 5.41 24.29 -10.56
N ALA A 751 4.83 23.13 -10.23
CA ALA A 751 3.73 23.02 -9.28
C ALA A 751 4.14 22.10 -8.14
N PHE A 752 3.16 21.76 -7.30
CA PHE A 752 3.38 20.82 -6.21
C PHE A 752 2.39 19.67 -6.30
N THR A 753 2.80 18.55 -5.73
CA THR A 753 1.92 17.39 -5.77
C THR A 753 2.18 16.53 -4.55
N PHE A 754 1.11 15.89 -4.07
CA PHE A 754 1.16 14.95 -2.96
C PHE A 754 0.00 13.98 -3.12
N ARG A 755 0.11 12.80 -2.52
CA ARG A 755 -0.93 11.78 -2.58
C ARG A 755 -1.91 11.95 -1.43
N ASN A 756 -3.20 12.10 -1.75
CA ASN A 756 -4.25 12.41 -0.75
C ASN A 756 -4.07 11.75 0.64
N ALA A 764 4.38 12.65 1.75
CA ALA A 764 5.38 13.64 1.30
C ALA A 764 4.89 14.57 0.18
N LEU A 765 5.27 15.85 0.25
CA LEU A 765 4.84 16.87 -0.72
C LEU A 765 6.02 17.23 -1.62
N LEU A 766 5.93 16.86 -2.89
CA LEU A 766 7.00 17.04 -3.85
C LEU A 766 6.71 18.20 -4.79
N GLN A 767 7.79 18.79 -5.29
CA GLN A 767 7.72 19.78 -6.36
C GLN A 767 7.58 19.08 -7.71
N ALA A 768 6.63 19.54 -8.52
CA ALA A 768 6.37 18.97 -9.84
C ALA A 768 6.72 19.96 -10.95
N ARG A 769 7.33 19.43 -12.01
CA ARG A 769 7.58 20.14 -13.26
C ARG A 769 6.62 19.61 -14.31
N VAL A 770 5.75 20.47 -14.84
CA VAL A 770 4.85 20.01 -15.88
C VAL A 770 5.66 19.78 -17.15
N ALA A 771 5.65 18.56 -17.67
CA ALA A 771 6.39 18.29 -18.88
C ALA A 771 5.48 18.17 -20.08
N ALA A 772 4.17 18.07 -19.86
CA ALA A 772 3.25 18.02 -20.98
C ALA A 772 1.87 18.41 -20.49
N ILE A 773 1.01 18.75 -21.44
CA ILE A 773 -0.40 18.98 -21.15
C ILE A 773 -1.17 18.37 -22.30
N ARG A 774 -2.22 17.63 -21.98
CA ARG A 774 -2.98 16.90 -22.98
C ARG A 774 -4.40 17.43 -23.04
N ASP A 775 -5.05 17.12 -24.16
CA ASP A 775 -6.34 17.73 -24.47
C ASP A 775 -7.43 17.06 -23.64
N ARG A 776 -7.46 15.73 -23.58
CA ARG A 776 -8.58 15.02 -22.97
C ARG A 776 -8.20 14.24 -21.70
N LEU A 777 -7.00 14.44 -21.17
CA LEU A 777 -6.52 13.63 -20.05
C LEU A 777 -7.18 14.00 -18.74
N ASN A 778 -7.70 13.00 -18.02
CA ASN A 778 -8.07 13.25 -16.63
C ASN A 778 -7.48 12.17 -15.72
N ALA A 779 -6.18 12.01 -15.84
CA ALA A 779 -5.33 11.46 -14.81
C ALA A 779 -4.22 12.47 -14.53
N VAL A 780 -3.35 12.12 -13.61
CA VAL A 780 -2.08 12.80 -13.40
C VAL A 780 -1.06 11.70 -13.60
N VAL A 781 -0.30 11.77 -14.70
CA VAL A 781 0.59 10.70 -15.09
C VAL A 781 2.00 11.03 -14.64
N VAL A 782 2.58 10.15 -13.81
CA VAL A 782 3.90 10.36 -13.22
C VAL A 782 4.74 9.11 -13.41
N ASN A 783 6.05 9.30 -13.45
CA ASN A 783 6.96 8.18 -13.28
C ASN A 783 6.84 7.75 -11.84
N GLN A 784 6.79 6.42 -11.61
CA GLN A 784 6.58 5.97 -10.23
C GLN A 784 7.87 5.87 -9.43
N GLU A 785 9.00 5.62 -10.09
CA GLU A 785 10.25 5.47 -9.35
C GLU A 785 10.72 6.77 -8.74
N TYR A 786 10.17 7.90 -9.16
CA TYR A 786 10.60 9.20 -8.68
C TYR A 786 9.61 9.79 -7.69
N ALA A 787 8.45 9.17 -7.58
CA ALA A 787 7.50 9.48 -6.51
C ALA A 787 7.33 8.32 -5.54
N LYS A 788 8.23 7.32 -5.57
CA LYS A 788 8.20 6.29 -4.54
C LYS A 788 8.21 6.89 -3.13
N SER A 789 8.72 8.13 -3.01
CA SER A 789 8.76 8.88 -1.75
C SER A 789 7.40 9.42 -1.34
N THR A 790 6.39 9.32 -2.20
CA THR A 790 5.03 9.57 -1.77
C THR A 790 4.19 8.30 -1.89
N GLY A 791 4.85 7.14 -2.08
CA GLY A 791 4.22 5.82 -2.11
C GLY A 791 2.93 5.80 -2.90
N VAL A 792 3.02 6.20 -4.16
CA VAL A 792 1.85 6.27 -5.02
C VAL A 792 1.55 4.88 -5.55
N ASP A 793 0.28 4.52 -5.54
CA ASP A 793 -0.14 3.15 -5.80
C ASP A 793 -1.24 3.20 -6.85
N PHE A 794 -0.96 2.66 -8.03
CA PHE A 794 -1.84 2.89 -9.18
C PHE A 794 -3.11 2.05 -9.17
N ASP A 795 -3.54 1.58 -7.99
CA ASP A 795 -4.90 1.11 -7.79
C ASP A 795 -5.60 2.22 -7.02
N GLY A 796 -6.15 3.19 -7.75
CA GLY A 796 -7.06 4.14 -7.16
C GLY A 796 -6.45 5.34 -6.44
N ASP A 797 -5.17 5.32 -6.06
CA ASP A 797 -4.59 6.49 -5.41
C ASP A 797 -4.79 7.74 -6.26
N THR A 798 -4.97 8.88 -5.60
CA THR A 798 -5.12 10.16 -6.29
C THR A 798 -3.96 11.08 -5.96
N LEU A 799 -3.50 11.81 -6.99
CA LEU A 799 -2.55 12.89 -6.83
C LEU A 799 -3.27 14.22 -6.81
N VAL A 800 -2.85 15.12 -5.90
CA VAL A 800 -3.31 16.51 -5.88
C VAL A 800 -2.21 17.37 -6.48
N VAL A 801 -2.62 18.36 -7.27
CA VAL A 801 -1.72 19.38 -7.78
C VAL A 801 -2.16 20.73 -7.23
N LEU A 802 -1.19 21.55 -6.81
CA LEU A 802 -1.48 22.91 -6.41
C LEU A 802 -0.77 23.88 -7.32
N PRO A 803 -1.30 25.10 -7.47
CA PRO A 803 -0.74 26.05 -8.45
C PRO A 803 0.70 26.47 -8.15
N LYS A 804 1.26 27.21 -9.10
CA LYS A 804 2.62 27.72 -8.97
C LYS A 804 2.79 28.66 -7.78
N GLY A 805 1.71 28.99 -7.05
CA GLY A 805 1.78 30.03 -6.05
C GLY A 805 2.76 29.74 -4.92
N LEU A 806 3.07 28.47 -4.71
CA LEU A 806 4.06 27.98 -3.74
C LEU A 806 4.02 28.67 -2.38
N PRO A 807 2.86 28.70 -1.70
CA PRO A 807 2.82 29.35 -0.37
C PRO A 807 3.25 28.44 0.78
N VAL A 808 4.28 27.60 0.57
CA VAL A 808 4.66 26.58 1.54
C VAL A 808 6.14 26.22 1.42
N ASP A 809 6.61 25.38 2.35
CA ASP A 809 7.97 24.85 2.37
C ASP A 809 7.94 23.37 1.95
N PRO A 810 8.35 23.03 0.73
CA PRO A 810 8.41 21.61 0.32
C PRO A 810 9.75 21.01 0.70
N HIS A 811 9.71 19.77 1.18
CA HIS A 811 10.86 19.30 1.94
C HIS A 811 11.99 18.81 1.04
N ARG A 812 13.16 18.69 1.66
CA ARG A 812 14.38 18.34 0.94
C ARG A 812 14.49 16.83 0.77
N LEU A 813 15.29 16.40 -0.21
CA LEU A 813 15.45 14.97 -0.43
C LEU A 813 16.06 14.30 0.79
N GLU A 814 17.13 14.88 1.34
CA GLU A 814 17.76 14.28 2.51
C GLU A 814 16.79 14.17 3.69
N VAL A 815 16.00 15.22 3.97
CA VAL A 815 15.11 15.25 5.14
C VAL A 815 14.27 13.99 5.34
N PHE A 816 13.19 13.88 4.54
CA PHE A 816 12.26 12.75 4.61
C PHE A 816 12.87 11.40 4.25
N GLN A 817 13.75 11.39 3.25
CA GLN A 817 14.43 10.17 2.82
C GLN A 817 15.17 9.71 4.09
N THR A 818 15.56 10.62 4.98
CA THR A 818 16.30 10.22 6.18
C THR A 818 15.37 9.78 7.29
N LEU A 819 14.25 10.46 7.47
CA LEU A 819 13.26 10.04 8.44
C LEU A 819 12.64 8.70 8.03
N ALA A 821 13.83 6.43 6.47
CA ALA A 821 14.79 5.33 6.62
C ALA A 821 15.01 4.96 8.09
N HIS A 822 15.10 5.95 8.97
CA HIS A 822 15.12 5.77 10.42
C HIS A 822 13.93 4.95 10.91
N ALA A 823 12.88 4.83 10.10
CA ALA A 823 11.64 4.19 10.48
C ALA A 823 11.38 2.89 9.71
N GLY A 824 12.39 2.31 9.08
CA GLY A 824 12.23 1.07 8.36
C GLY A 824 11.36 1.06 7.10
N LEU A 825 11.15 2.19 6.44
CA LEU A 825 10.28 2.22 5.28
C LEU A 825 10.98 2.66 3.98
N ALA A 826 12.31 2.64 3.94
CA ALA A 826 13.01 3.03 2.73
C ALA A 826 12.63 2.10 1.57
N VAL A 835 20.01 -0.36 3.00
CA VAL A 835 20.23 1.09 2.86
C VAL A 835 21.66 1.56 3.07
N GLU A 836 22.23 2.02 1.97
CA GLU A 836 23.63 2.25 1.92
C GLU A 836 23.88 3.49 1.08
N PRO A 837 24.83 4.34 1.47
CA PRO A 837 25.06 5.57 0.72
C PRO A 837 25.51 5.29 -0.71
N SER A 838 24.66 5.60 -1.67
CA SER A 838 25.04 5.61 -3.08
C SER A 838 24.72 6.97 -3.68
N PRO A 839 25.66 7.59 -4.42
CA PRO A 839 25.27 8.68 -5.33
C PRO A 839 24.31 8.16 -6.37
N GLY A 840 23.76 9.07 -7.11
CA GLY A 840 22.78 8.69 -8.11
C GLY A 840 23.36 7.97 -9.31
N GLU A 841 22.61 7.98 -10.41
CA GLU A 841 23.15 7.81 -11.75
C GLU A 841 22.82 9.08 -12.50
N LEU A 842 23.85 9.79 -12.93
CA LEU A 842 23.60 11.03 -13.67
C LEU A 842 23.09 10.69 -15.06
N ARG A 843 21.97 11.32 -15.42
CA ARG A 843 21.36 11.11 -16.73
C ARG A 843 22.25 11.60 -17.85
N PHE A 844 23.13 12.54 -17.55
CA PHE A 844 23.96 13.22 -18.53
C PHE A 844 25.45 13.03 -18.23
N LYS A 845 25.82 11.91 -17.62
CA LYS A 845 27.19 11.72 -17.16
C LYS A 845 28.18 11.91 -18.30
N GLU A 846 28.05 11.08 -19.34
CA GLU A 846 29.09 11.04 -20.35
C GLU A 846 29.09 12.32 -21.17
N GLN A 847 27.92 12.91 -21.43
CA GLN A 847 27.87 14.17 -22.15
C GLN A 847 28.56 15.29 -21.38
N LEU A 848 28.37 15.34 -20.06
CA LEU A 848 28.91 16.42 -19.25
C LEU A 848 30.42 16.32 -19.07
N GLU A 849 30.98 15.11 -19.11
CA GLU A 849 32.44 14.97 -19.11
C GLU A 849 33.03 15.58 -20.36
N VAL A 850 32.51 15.17 -21.52
CA VAL A 850 32.92 15.76 -22.78
C VAL A 850 32.87 17.27 -22.70
N TYR A 851 31.73 17.81 -22.27
CA TYR A 851 31.55 19.25 -22.20
C TYR A 851 32.58 19.93 -21.31
N ASP A 852 32.97 19.28 -20.20
CA ASP A 852 33.96 19.86 -19.29
C ASP A 852 35.34 19.85 -19.93
N LYS A 853 35.64 18.84 -20.75
CA LYS A 853 36.88 18.85 -21.51
C LYS A 853 36.91 20.00 -22.49
N VAL A 854 35.84 20.14 -23.30
CA VAL A 854 35.72 21.28 -24.21
C VAL A 854 35.72 22.60 -23.45
N LEU A 855 35.04 22.64 -22.29
CA LEU A 855 34.90 23.91 -21.56
C LEU A 855 36.24 24.43 -21.10
N ALA A 856 37.17 23.53 -20.79
CA ALA A 856 38.53 23.92 -20.44
C ALA A 856 39.07 24.90 -21.46
N ARG A 857 38.98 24.53 -22.73
CA ARG A 857 39.55 25.32 -23.80
C ARG A 857 38.69 26.54 -24.09
N LEU A 858 37.37 26.36 -24.06
CA LEU A 858 36.45 27.44 -24.36
C LEU A 858 36.67 28.62 -23.44
N SER A 859 36.94 28.34 -22.16
CA SER A 859 37.05 29.39 -21.15
C SER A 859 38.29 30.22 -21.33
N LYS A 860 39.30 29.66 -22.00
CA LYS A 860 40.53 30.38 -22.30
C LYS A 860 40.41 31.24 -23.54
N SER A 861 39.46 30.93 -24.42
CA SER A 861 39.36 31.43 -25.79
C SER A 861 38.82 32.86 -25.85
N ARG A 862 39.04 33.50 -26.99
CA ARG A 862 38.39 34.77 -27.21
C ARG A 862 36.88 34.61 -27.12
N LEU A 863 36.34 33.55 -27.71
CA LEU A 863 34.90 33.37 -27.76
C LEU A 863 34.26 33.45 -26.39
N ALA A 864 35.00 33.08 -25.34
CA ALA A 864 34.40 33.14 -24.01
C ALA A 864 34.32 34.58 -23.51
N ALA A 865 35.24 35.44 -23.95
CA ALA A 865 35.15 36.85 -23.58
C ALA A 865 33.95 37.50 -24.24
N GLU A 866 33.76 37.26 -25.54
CA GLU A 866 32.56 37.72 -26.23
C GLU A 866 31.30 37.37 -25.44
N LEU A 867 31.14 36.08 -25.12
CA LEU A 867 29.95 35.65 -24.39
C LEU A 867 29.77 36.41 -23.08
N ARG A 868 30.83 36.52 -22.28
CA ARG A 868 30.67 37.19 -20.99
C ARG A 868 30.39 38.68 -21.17
N ASN A 869 30.84 39.26 -22.28
CA ASN A 869 30.50 40.64 -22.62
C ASN A 869 29.06 40.83 -23.03
N ALA A 870 28.38 39.79 -23.49
CA ALA A 870 26.98 39.88 -23.84
C ALA A 870 26.07 39.41 -22.72
N GLY A 871 26.64 39.15 -21.54
CA GLY A 871 25.85 38.92 -20.36
C GLY A 871 25.93 37.54 -19.78
N VAL A 872 26.51 36.58 -20.49
CA VAL A 872 26.59 35.19 -20.04
C VAL A 872 27.88 35.04 -19.24
N GLU A 873 27.80 35.08 -17.92
CA GLU A 873 29.07 35.02 -17.20
C GLU A 873 29.49 33.59 -16.89
N ASP A 874 28.60 32.78 -16.34
CA ASP A 874 28.96 31.44 -15.93
C ASP A 874 28.76 30.50 -17.13
N LEU A 875 29.87 30.02 -17.69
CA LEU A 875 29.82 29.13 -18.85
C LEU A 875 29.70 27.68 -18.46
N SER A 876 29.42 27.39 -17.18
CA SER A 876 29.48 26.00 -16.71
C SER A 876 28.22 25.22 -17.05
N ASN A 877 27.09 25.89 -17.16
CA ASN A 877 25.79 25.29 -17.41
C ASN A 877 25.49 25.47 -18.88
N PRO A 878 25.71 24.48 -19.74
CA PRO A 878 25.45 24.70 -21.17
C PRO A 878 23.98 24.97 -21.41
N PHE A 879 23.10 24.34 -20.63
CA PHE A 879 21.67 24.59 -20.80
C PHE A 879 21.36 26.04 -20.49
N GLU A 880 22.13 26.66 -19.60
CA GLU A 880 21.92 28.06 -19.29
C GLU A 880 22.54 28.96 -20.34
N VAL A 881 23.76 28.66 -20.76
CA VAL A 881 24.38 29.48 -21.78
C VAL A 881 23.50 29.56 -23.01
N VAL A 882 22.93 28.42 -23.42
CA VAL A 882 22.09 28.39 -24.62
C VAL A 882 20.76 29.09 -24.36
N ARG A 883 20.19 28.91 -23.18
CA ARG A 883 18.94 29.58 -22.85
C ARG A 883 19.15 31.09 -22.81
N GLN A 884 20.06 31.54 -21.96
CA GLN A 884 20.28 32.95 -21.75
C GLN A 884 20.66 33.66 -23.04
N LEU A 885 21.23 32.92 -24.00
CA LEU A 885 21.44 33.48 -25.32
C LEU A 885 20.21 33.77 -26.12
N GLU A 886 19.48 32.76 -26.47
CA GLU A 886 18.30 32.99 -27.27
C GLU A 886 17.30 33.84 -26.50
N SER A 887 17.65 34.14 -25.27
CA SER A 887 16.71 34.86 -24.45
C SER A 887 17.00 36.19 -24.97
N LEU A 888 18.27 36.57 -25.02
CA LEU A 888 18.55 37.92 -25.47
C LEU A 888 19.23 38.33 -26.79
N GLY A 889 18.61 37.98 -27.92
CA GLY A 889 19.22 38.44 -29.15
C GLY A 889 20.32 37.46 -29.39
N GLU A 890 21.51 37.98 -29.68
CA GLU A 890 22.71 37.16 -29.73
C GLU A 890 22.53 35.89 -30.55
N GLU A 891 21.99 36.03 -31.76
CA GLU A 891 21.99 34.87 -32.63
C GLU A 891 23.41 34.49 -33.05
N GLU A 892 24.26 35.48 -33.30
CA GLU A 892 25.59 35.18 -33.79
C GLU A 892 26.44 34.47 -32.75
N LEU A 893 26.41 34.96 -31.51
CA LEU A 893 27.12 34.29 -30.44
C LEU A 893 26.55 32.92 -30.15
N LEU A 894 25.28 32.67 -30.52
CA LEU A 894 24.73 31.33 -30.36
C LEU A 894 25.22 30.39 -31.45
N LYS A 895 25.18 30.81 -32.71
CA LYS A 895 25.81 30.02 -33.77
C LYS A 895 27.24 29.71 -33.39
N ALA A 896 27.90 30.63 -32.72
CA ALA A 896 29.32 30.47 -32.43
C ALA A 896 29.52 29.50 -31.30
N PHE A 897 28.73 29.64 -30.23
CA PHE A 897 28.75 28.67 -29.15
C PHE A 897 28.30 27.28 -29.63
N LYS A 898 27.20 27.20 -30.40
CA LYS A 898 26.79 25.92 -30.97
C LYS A 898 27.80 25.38 -31.97
N GLY A 899 28.44 26.25 -32.74
CA GLY A 899 29.47 25.77 -33.65
C GLY A 899 30.73 25.35 -32.91
N TYR A 900 31.06 26.06 -31.82
CA TYR A 900 32.22 25.68 -31.03
C TYR A 900 32.05 24.29 -30.49
N LEU A 901 30.91 24.03 -29.84
CA LEU A 901 30.75 22.75 -29.18
C LEU A 901 30.61 21.62 -30.20
N ARG A 902 30.20 21.89 -31.44
CA ARG A 902 30.28 20.84 -32.45
C ARG A 902 31.71 20.39 -32.65
N LYS A 903 32.56 21.29 -33.16
CA LYS A 903 33.96 20.95 -33.40
C LYS A 903 34.57 20.32 -32.15
N GLY A 904 34.11 20.71 -30.98
CA GLY A 904 34.68 20.19 -29.75
C GLY A 904 34.36 18.73 -29.50
N PHE A 905 33.07 18.42 -29.40
CA PHE A 905 32.64 17.05 -29.18
C PHE A 905 33.12 16.15 -30.31
N ALA A 906 33.03 16.62 -31.55
CA ALA A 906 33.50 15.79 -32.66
C ALA A 906 34.95 15.35 -32.45
N LYS A 907 35.83 16.24 -32.03
CA LYS A 907 37.19 15.82 -31.68
C LYS A 907 37.16 14.90 -30.48
N GLU A 908 36.44 15.31 -29.43
CA GLU A 908 36.41 14.55 -28.19
C GLU A 908 35.93 13.13 -28.38
N LEU A 909 35.08 12.88 -29.38
CA LEU A 909 34.56 11.57 -29.67
C LEU A 909 35.13 10.98 -30.96
N GLY A 910 36.15 11.60 -31.52
CA GLY A 910 36.79 11.05 -32.70
C GLY A 910 35.87 10.86 -33.88
N LEU A 911 34.79 11.63 -33.98
CA LEU A 911 34.00 11.65 -35.20
C LEU A 911 34.69 12.53 -36.25
N ASP A 912 34.54 12.14 -37.52
CA ASP A 912 34.98 12.98 -38.64
C ASP A 912 33.85 13.91 -39.08
N LEU A 913 34.06 15.21 -38.88
CA LEU A 913 32.99 16.18 -39.07
C LEU A 913 32.59 16.37 -40.53
N LYS A 914 33.36 15.83 -41.47
CA LYS A 914 32.99 15.97 -42.87
C LYS A 914 31.96 14.92 -43.28
N SER A 915 32.22 13.65 -42.96
CA SER A 915 31.35 12.52 -43.29
C SER A 915 29.91 12.82 -42.87
N GLU A 916 29.01 12.99 -43.85
CA GLU A 916 27.67 13.50 -43.58
C GLU A 916 26.82 12.56 -42.72
N GLU A 917 27.20 11.31 -42.60
CA GLU A 917 26.50 10.47 -41.64
C GLU A 917 27.20 10.51 -40.28
N ASP A 918 28.50 10.74 -40.27
CA ASP A 918 29.21 11.03 -39.02
C ASP A 918 28.77 12.37 -38.44
N ARG A 919 28.47 13.34 -39.31
CA ARG A 919 28.02 14.66 -38.85
C ARG A 919 26.61 14.59 -38.29
N ALA A 920 25.70 13.89 -39.00
CA ALA A 920 24.38 13.65 -38.43
C ALA A 920 24.43 12.87 -37.13
N ARG A 921 25.51 12.14 -36.87
CA ARG A 921 25.69 11.48 -35.58
C ARG A 921 26.08 12.45 -34.45
N LEU A 922 26.85 13.51 -34.75
CA LEU A 922 27.07 14.56 -33.75
C LEU A 922 25.76 15.22 -33.36
N ASN A 923 25.09 15.87 -34.33
CA ASN A 923 23.79 16.50 -34.07
C ASN A 923 22.82 15.53 -33.40
N GLN A 924 23.04 14.23 -33.59
CA GLN A 924 22.32 13.20 -32.86
C GLN A 924 22.72 13.17 -31.39
N TYR A 925 24.02 13.33 -31.11
CA TYR A 925 24.53 13.17 -29.75
C TYR A 925 24.49 14.48 -28.97
N LEU A 926 24.96 15.56 -29.58
CA LEU A 926 25.09 16.82 -28.87
C LEU A 926 23.74 17.46 -28.67
N PHE A 927 22.91 17.49 -29.71
CA PHE A 927 21.63 18.22 -29.63
C PHE A 927 20.47 17.34 -29.20
N GLU A 928 20.10 16.39 -30.06
CA GLU A 928 18.99 15.49 -29.79
C GLU A 928 19.10 14.79 -28.43
N GLY A 929 20.31 14.34 -28.06
CA GLY A 929 20.50 13.65 -26.80
C GLY A 929 20.83 14.47 -25.58
N PHE A 930 21.37 15.66 -25.79
CA PHE A 930 21.76 16.57 -24.73
C PHE A 930 21.14 17.93 -24.64
N LEU A 931 21.63 18.86 -25.46
CA LEU A 931 21.18 20.26 -25.47
C LEU A 931 19.67 20.55 -25.51
N ASP A 932 18.92 19.73 -26.24
CA ASP A 932 17.48 19.98 -26.37
C ASP A 932 16.75 19.82 -25.05
N TYR A 933 17.26 18.97 -24.15
CA TYR A 933 16.64 18.82 -22.82
C TYR A 933 16.74 20.08 -21.98
N ARG A 934 17.30 21.16 -22.50
CA ARG A 934 17.29 22.43 -21.78
C ARG A 934 15.88 22.93 -21.55
N LYS A 935 14.90 22.36 -22.25
CA LYS A 935 13.50 22.73 -22.10
C LYS A 935 12.88 22.12 -20.85
N GLN A 936 13.31 20.92 -20.47
CA GLN A 936 12.80 20.25 -19.29
C GLN A 936 13.62 20.56 -18.03
N PHE A 937 14.95 20.57 -18.12
CA PHE A 937 15.79 20.69 -16.95
C PHE A 937 16.50 22.04 -16.92
N GLN A 938 16.86 22.47 -15.71
CA GLN A 938 17.54 23.73 -15.49
C GLN A 938 19.04 23.54 -15.40
N ASP A 939 19.50 22.58 -14.62
CA ASP A 939 20.92 22.26 -14.58
C ASP A 939 21.15 20.81 -14.98
N PRO A 940 21.84 20.53 -16.09
CA PRO A 940 22.17 19.13 -16.39
C PRO A 940 22.96 18.43 -15.29
N ARG A 941 23.80 19.15 -14.55
CA ARG A 941 24.62 18.51 -13.52
C ARG A 941 23.80 17.97 -12.36
N ARG A 942 22.51 18.31 -12.28
CA ARG A 942 21.67 17.88 -11.17
C ARG A 942 20.45 17.06 -11.61
N VAL A 943 20.41 16.59 -12.86
CA VAL A 943 19.31 15.74 -13.33
C VAL A 943 19.79 14.28 -13.36
N TYR A 944 19.01 13.43 -12.67
CA TYR A 944 19.40 12.08 -12.27
C TYR A 944 18.51 11.04 -12.94
N LYS A 945 19.10 9.88 -13.26
CA LYS A 945 18.37 8.72 -13.75
C LYS A 945 17.96 7.79 -12.60
N LYS A 946 18.92 7.44 -11.70
CA LYS A 946 18.65 6.79 -10.41
C LYS A 946 18.96 7.83 -9.33
N LEU A 947 17.93 8.41 -8.72
CA LEU A 947 18.16 9.37 -7.64
C LEU A 947 19.04 8.73 -6.56
N PRO A 948 19.85 9.52 -5.84
CA PRO A 948 20.78 8.92 -4.85
C PRO A 948 20.12 8.63 -3.51
N LEU A 949 20.93 8.08 -2.62
CA LEU A 949 20.56 7.76 -1.24
C LEU A 949 21.56 8.49 -0.36
N PRO A 951 23.87 9.88 2.52
CA PRO A 951 24.56 9.13 3.59
C PRO A 951 23.86 9.24 4.94
N SER A 952 23.22 10.38 5.23
CA SER A 952 22.48 10.54 6.47
C SER A 952 21.37 9.52 6.61
N ALA A 953 20.76 9.09 5.51
CA ALA A 953 19.66 8.12 5.61
C ALA A 953 20.18 6.70 5.81
N ALA A 954 21.30 6.34 5.18
CA ALA A 954 21.94 5.06 5.52
C ALA A 954 22.37 5.03 6.98
N LEU A 955 22.91 6.15 7.49
CA LEU A 955 23.14 6.31 8.93
C LEU A 955 21.84 6.10 9.69
N ALA A 956 20.83 6.92 9.36
CA ALA A 956 19.60 6.93 10.12
C ALA A 956 19.03 5.53 10.25
N ALA A 957 19.18 4.72 9.21
CA ALA A 957 18.70 3.34 9.21
C ALA A 957 19.55 2.41 10.08
N SER A 958 20.83 2.70 10.25
CA SER A 958 21.62 1.87 11.15
C SER A 958 21.38 2.20 12.62
N LEU A 959 20.65 3.26 12.91
CA LEU A 959 20.43 3.67 14.28
C LEU A 959 19.25 2.99 14.91
N LEU A 960 18.15 2.89 14.17
CA LEU A 960 17.00 2.14 14.63
C LEU A 960 16.96 0.85 13.82
N GLN A 961 16.89 -0.28 14.49
CA GLN A 961 16.78 -1.56 13.79
C GLN A 961 15.34 -2.07 13.85
N VAL A 962 14.47 -1.32 13.21
CA VAL A 962 13.05 -1.59 13.17
C VAL A 962 12.70 -1.98 11.74
N GLU A 963 11.94 -3.06 11.58
CA GLU A 963 11.54 -3.58 10.26
C GLU A 963 10.16 -4.21 10.39
N ALA A 964 9.48 -4.33 9.26
CA ALA A 964 8.14 -4.89 9.18
C ALA A 964 8.16 -6.28 8.53
N HIS A 965 8.22 -7.32 9.35
CA HIS A 965 8.38 -8.68 8.89
C HIS A 965 7.07 -9.31 8.41
N LYS A 966 7.08 -9.84 7.17
CA LYS A 966 5.89 -10.40 6.48
C LYS A 966 5.68 -11.88 6.81
N LYS A 967 4.41 -12.29 6.94
CA LYS A 967 3.95 -13.65 7.14
C LYS A 967 2.48 -13.69 6.74
N GLU A 968 2.05 -14.77 6.07
CA GLU A 968 0.67 -14.85 5.60
C GLU A 968 -0.22 -15.38 6.71
N TYR A 969 -1.48 -14.95 6.70
CA TYR A 969 -2.43 -15.52 7.64
C TYR A 969 -2.71 -16.95 7.20
N ASP A 970 -2.82 -17.89 8.18
CA ASP A 970 -3.11 -19.30 7.85
C ASP A 970 -4.17 -19.31 6.77
N PRO A 971 -3.91 -19.94 5.62
CA PRO A 971 -4.90 -19.93 4.55
C PRO A 971 -5.94 -21.00 4.67
N SER A 972 -5.68 -22.03 5.48
CA SER A 972 -6.64 -23.11 5.69
C SER A 972 -7.82 -22.65 6.54
N ASP A 973 -7.54 -21.82 7.55
CA ASP A 973 -8.44 -21.46 8.64
C ASP A 973 -9.08 -20.09 8.42
N PRO A 974 -10.38 -20.00 8.20
CA PRO A 974 -10.99 -18.75 7.75
C PRO A 974 -11.17 -17.71 8.83
N VAL A 975 -10.81 -18.00 10.07
CA VAL A 975 -10.84 -16.99 11.12
C VAL A 975 -9.61 -16.08 11.04
N ALA A 976 -8.41 -16.66 10.87
CA ALA A 976 -7.14 -15.93 10.90
C ALA A 976 -7.19 -14.55 10.27
N LEU A 977 -7.78 -14.46 9.07
CA LEU A 977 -7.85 -13.20 8.37
C LEU A 977 -8.82 -12.24 9.06
N ALA A 978 -10.04 -12.71 9.33
CA ALA A 978 -11.00 -11.83 9.99
C ALA A 978 -10.51 -11.45 11.38
N ALA A 979 -10.03 -12.42 12.15
CA ALA A 979 -9.34 -12.10 13.39
C ALA A 979 -8.27 -11.04 13.16
N GLY A 980 -7.43 -11.22 12.13
CA GLY A 980 -6.37 -10.26 11.85
C GLY A 980 -6.91 -8.87 11.56
N GLN A 981 -7.97 -8.80 10.76
CA GLN A 981 -8.56 -7.51 10.44
C GLN A 981 -9.14 -6.80 11.66
N LEU A 982 -9.62 -7.54 12.66
CA LEU A 982 -10.09 -6.86 13.86
C LEU A 982 -8.95 -6.15 14.57
N THR A 983 -7.75 -6.74 14.53
CA THR A 983 -6.64 -6.16 15.26
C THR A 983 -6.13 -4.89 14.60
N THR A 984 -6.65 -4.56 13.41
CA THR A 984 -6.39 -3.29 12.74
C THR A 984 -7.20 -2.15 13.30
N SER A 985 -8.17 -2.45 14.17
CA SER A 985 -9.23 -1.53 14.50
C SER A 985 -8.80 -0.46 15.46
N PHE A 986 -7.50 -0.23 15.61
CA PHE A 986 -7.03 0.92 16.36
C PHE A 986 -5.95 1.69 15.59
N LEU A 987 -5.94 1.55 14.27
CA LEU A 987 -5.07 2.39 13.44
C LEU A 987 -5.25 3.86 13.77
N GLY A 988 -6.41 4.23 14.30
CA GLY A 988 -6.63 5.57 14.83
C GLY A 988 -5.57 5.97 15.81
N LEU A 989 -5.36 5.20 16.88
CA LEU A 989 -4.42 5.66 17.89
C LEU A 989 -3.00 5.68 17.35
N SER A 990 -2.67 4.77 16.42
CA SER A 990 -1.32 4.78 15.85
C SER A 990 -1.03 6.09 15.15
N GLU A 991 -2.08 6.74 14.62
CA GLU A 991 -1.96 7.97 13.85
C GLU A 991 -1.90 9.20 14.76
N LYS A 992 -2.75 9.24 15.80
CA LYS A 992 -2.64 10.33 16.77
C LYS A 992 -1.27 10.33 17.42
N LEU A 993 -0.71 9.14 17.72
CA LEU A 993 0.65 9.09 18.26
C LEU A 993 1.64 9.78 17.35
N ALA A 994 1.49 9.61 16.04
CA ALA A 994 2.41 10.25 15.13
C ALA A 994 2.25 11.78 15.17
N GLN A 995 1.02 12.28 15.01
CA GLN A 995 0.80 13.73 14.96
C GLN A 995 1.22 14.39 16.27
N ASP A 996 0.73 13.86 17.39
CA ASP A 996 1.13 14.39 18.70
C ASP A 996 2.63 14.35 18.87
N LEU A 997 3.30 13.35 18.28
CA LEU A 997 4.74 13.25 18.42
C LEU A 997 5.44 14.34 17.62
N GLU A 998 5.04 14.52 16.35
CA GLU A 998 5.79 15.39 15.43
C GLU A 998 5.72 16.87 15.80
N THR A 999 4.72 17.30 16.54
CA THR A 999 4.72 18.66 17.03
C THR A 999 5.97 18.97 17.83
N SER A 1000 6.60 17.95 18.44
CA SER A 1000 7.77 18.21 19.27
C SER A 1000 9.06 18.36 18.46
N ILE A 1001 9.25 17.55 17.42
CA ILE A 1001 10.57 17.46 16.80
C ILE A 1001 10.90 18.78 16.11
N ASP A 1002 12.03 19.37 16.52
CA ASP A 1002 12.51 20.58 15.87
C ASP A 1002 13.02 20.29 14.45
N PHE A 1003 12.14 20.42 13.45
CA PHE A 1003 12.58 20.17 12.07
C PHE A 1003 13.68 21.10 11.58
N PRO A 1004 13.74 22.37 11.96
CA PRO A 1004 14.98 23.12 11.77
C PRO A 1004 16.28 22.36 12.05
N LYS A 1005 16.55 22.01 13.33
CA LYS A 1005 17.81 21.37 13.67
C LYS A 1005 17.98 19.98 13.01
N LEU A 1006 16.89 19.21 12.89
CA LEU A 1006 16.96 17.98 12.12
C LEU A 1006 17.49 18.27 10.73
N ALA A 1007 17.01 19.33 10.10
CA ALA A 1007 17.42 19.54 8.72
C ALA A 1007 18.88 19.99 8.65
N GLU A 1008 19.30 20.87 9.56
CA GLU A 1008 20.69 21.33 9.50
C GLU A 1008 21.65 20.20 9.83
N ALA A 1009 21.32 19.41 10.87
CA ALA A 1009 22.18 18.29 11.27
C ALA A 1009 22.36 17.28 10.15
N ILE A 1010 21.30 17.03 9.37
CA ILE A 1010 21.44 16.19 8.19
C ILE A 1010 22.32 16.86 7.14
N ARG A 1011 22.06 18.14 6.83
CA ARG A 1011 22.83 18.79 5.78
C ARG A 1011 24.29 18.90 6.17
N ALA A 1012 24.56 19.12 7.45
CA ALA A 1012 25.93 19.07 7.92
C ALA A 1012 26.57 17.73 7.56
N TYR A 1013 25.94 16.62 7.98
CA TYR A 1013 26.54 15.31 7.78
C TYR A 1013 26.78 15.03 6.30
N ASN A 1014 25.75 15.22 5.47
CA ASN A 1014 25.86 14.86 4.05
C ASN A 1014 27.00 15.63 3.37
N GLN A 1015 27.16 16.90 3.72
CA GLN A 1015 28.30 17.70 3.29
C GLN A 1015 29.60 17.13 3.83
N ALA A 1016 29.79 17.20 5.15
CA ALA A 1016 31.01 16.70 5.76
C ALA A 1016 31.32 15.27 5.33
N TYR A 1017 30.31 14.50 4.91
CA TYR A 1017 30.57 13.19 4.31
C TYR A 1017 31.20 13.37 2.95
N SER A 1018 30.49 14.03 2.03
CA SER A 1018 30.94 14.12 0.65
C SER A 1018 32.39 14.59 0.54
N SER A 1019 32.65 15.83 0.94
CA SER A 1019 33.93 16.47 0.70
C SER A 1019 34.45 17.16 1.97
N GLY A 1020 34.41 16.46 3.10
CA GLY A 1020 34.78 17.13 4.33
C GLY A 1020 36.01 16.58 5.00
N ASN A 1021 36.58 17.38 5.89
CA ASN A 1021 37.75 16.96 6.65
C ASN A 1021 37.44 15.71 7.48
N GLU A 1022 38.47 15.18 8.12
CA GLU A 1022 38.24 14.03 8.96
C GLU A 1022 37.57 14.41 10.28
N GLU A 1023 37.84 15.61 10.79
CA GLU A 1023 37.26 15.99 12.06
C GLU A 1023 35.74 16.19 11.94
N GLN A 1024 35.26 16.73 10.81
CA GLN A 1024 33.82 17.06 10.75
C GLN A 1024 32.96 15.85 10.42
N VAL A 1025 33.40 15.01 9.49
CA VAL A 1025 32.72 13.75 9.26
C VAL A 1025 32.61 13.04 10.61
N ALA A 1026 33.49 13.38 11.57
CA ALA A 1026 33.32 12.90 12.93
C ALA A 1026 32.27 13.71 13.69
N LYS A 1027 32.31 15.04 13.58
CA LYS A 1027 31.47 15.89 14.43
C LYS A 1027 30.06 16.01 13.88
N ALA A 1028 29.91 16.22 12.57
CA ALA A 1028 28.56 16.21 12.00
C ALA A 1028 27.88 14.87 12.25
N ARG A 1029 28.66 13.78 12.30
CA ARG A 1029 28.09 12.48 12.63
C ARG A 1029 27.53 12.48 14.05
N ALA A 1030 28.35 12.88 15.02
CA ALA A 1030 27.88 12.85 16.40
C ALA A 1030 26.73 13.81 16.66
N GLU A 1031 26.58 14.87 15.86
CA GLU A 1031 25.48 15.80 16.08
C GLU A 1031 24.16 15.24 15.56
N LEU A 1032 24.11 14.91 14.28
CA LEU A 1032 22.94 14.24 13.70
C LEU A 1032 22.53 13.03 14.51
N VAL A 1033 23.51 12.24 14.98
CA VAL A 1033 23.17 11.03 15.73
C VAL A 1033 22.43 11.37 17.01
N LYS A 1034 22.86 12.43 17.69
CA LYS A 1034 22.19 12.83 18.92
C LYS A 1034 20.82 13.44 18.66
N VAL A 1035 20.59 13.95 17.46
CA VAL A 1035 19.22 14.35 17.12
C VAL A 1035 18.36 13.13 16.80
N LEU A 1036 18.97 12.07 16.25
CA LEU A 1036 18.26 10.87 15.82
C LEU A 1036 18.00 9.86 16.94
N ASN A 1037 18.82 9.89 17.99
CA ASN A 1037 18.61 9.07 19.17
C ASN A 1037 17.77 9.76 20.21
N ASP A 1038 17.39 11.01 19.96
CA ASP A 1038 16.47 11.72 20.86
C ASP A 1038 15.17 10.93 21.04
N PRO A 1039 14.71 10.72 22.28
CA PRO A 1039 13.52 9.89 22.51
C PRO A 1039 12.29 10.26 21.67
N THR A 1040 11.97 11.54 21.55
CA THR A 1040 10.78 11.92 20.79
C THR A 1040 10.95 11.64 19.29
N VAL A 1041 12.17 11.74 18.75
CA VAL A 1041 12.38 11.33 17.36
C VAL A 1041 12.19 9.83 17.21
N GLN A 1042 12.94 9.03 17.99
CA GLN A 1042 12.81 7.58 17.94
C GLN A 1042 11.35 7.15 18.04
N LYS A 1043 10.60 7.72 18.98
CA LYS A 1043 9.20 7.34 19.08
C LYS A 1043 8.42 7.80 17.85
N PHE A 1044 8.75 8.96 17.28
CA PHE A 1044 8.02 9.42 16.09
C PHE A 1044 8.24 8.48 14.92
N SER A 1045 9.50 8.13 14.66
CA SER A 1045 9.78 7.19 13.59
C SER A 1045 9.14 5.84 13.88
N LEU A 1046 9.26 5.35 15.10
CA LEU A 1046 8.65 4.07 15.45
C LEU A 1046 7.12 4.10 15.29
N SER A 1047 6.48 5.25 15.63
CA SER A 1047 5.07 5.46 15.36
C SER A 1047 4.74 5.32 13.89
N ASN A 1048 5.58 5.91 13.02
CA ASN A 1048 5.31 5.85 11.58
C ASN A 1048 5.36 4.42 11.07
N LEU A 1049 6.34 3.62 11.54
CA LEU A 1049 6.40 2.20 11.17
C LEU A 1049 5.12 1.49 11.59
N LEU A 1050 4.77 1.56 12.88
CA LEU A 1050 3.59 0.87 13.36
C LEU A 1050 2.35 1.14 12.51
N TYR A 1051 2.15 2.38 12.06
CA TYR A 1051 0.97 2.68 11.23
C TYR A 1051 1.01 1.90 9.92
N GLN A 1052 2.18 1.72 9.33
CA GLN A 1052 2.26 0.92 8.13
C GLN A 1052 1.96 -0.54 8.41
N ILE A 1053 2.67 -1.13 9.39
CA ILE A 1053 2.37 -2.51 9.82
C ILE A 1053 0.88 -2.70 10.12
N ILE A 1054 0.29 -1.85 10.96
CA ILE A 1054 -1.14 -2.06 11.25
C ILE A 1054 -1.97 -2.00 9.97
N THR A 1055 -1.71 -1.03 9.09
CA THR A 1055 -2.44 -1.00 7.81
C THR A 1055 -2.22 -2.27 7.01
N ASP A 1056 -1.03 -2.86 7.09
CA ASP A 1056 -0.73 -4.05 6.29
C ASP A 1056 -1.29 -5.32 6.93
N ARG A 1057 -1.50 -5.33 8.25
CA ARG A 1057 -2.14 -6.48 8.84
C ARG A 1057 -3.59 -6.63 8.39
N LYS A 1058 -4.12 -5.64 7.64
CA LYS A 1058 -5.41 -5.81 6.99
C LYS A 1058 -5.37 -6.82 5.85
N LYS A 1059 -4.20 -7.42 5.54
CA LYS A 1059 -3.93 -8.38 4.49
C LYS A 1059 -3.09 -9.56 4.94
N ARG A 1060 -2.11 -9.35 5.82
CA ARG A 1060 -1.20 -10.42 6.21
C ARG A 1060 -0.83 -10.31 7.67
N ASP A 1061 -0.34 -11.42 8.23
CA ASP A 1061 0.11 -11.48 9.62
C ASP A 1061 1.49 -10.83 9.78
N TYR A 1062 1.56 -9.55 9.44
CA TYR A 1062 2.80 -8.81 9.62
C TYR A 1062 3.12 -8.68 11.09
N SER A 1063 4.42 -8.56 11.39
CA SER A 1063 4.86 -8.28 12.73
C SER A 1063 5.90 -7.18 12.72
N LEU A 1064 6.09 -6.55 13.87
CA LEU A 1064 7.22 -5.68 14.10
C LEU A 1064 8.37 -6.53 14.65
N ARG A 1065 9.59 -6.24 14.17
CA ARG A 1065 10.81 -6.75 14.80
C ARG A 1065 11.73 -5.59 15.10
N VAL A 1066 12.42 -5.66 16.24
CA VAL A 1066 13.34 -4.62 16.69
C VAL A 1066 14.62 -5.29 17.18
N ARG A 1067 15.80 -4.73 16.87
CA ARG A 1067 17.09 -5.23 17.33
C ARG A 1067 17.73 -4.18 18.23
N THR A 1068 18.10 -4.59 19.45
CA THR A 1068 18.43 -3.65 20.52
C THR A 1068 19.93 -3.70 20.84
N GLU A 1069 20.35 -2.85 21.78
CA GLU A 1069 21.74 -2.86 22.25
C GLU A 1069 22.10 -4.21 22.89
N SER A 1070 21.11 -4.95 23.38
CA SER A 1070 21.35 -6.30 23.90
C SER A 1070 21.98 -7.24 22.88
N GLY A 1071 21.92 -6.91 21.58
CA GLY A 1071 22.23 -7.84 20.51
C GLY A 1071 21.06 -8.66 19.99
N LYS A 1072 19.97 -8.79 20.78
CA LYS A 1072 18.79 -9.63 20.51
C LYS A 1072 17.76 -8.84 19.72
N THR A 1073 16.87 -9.58 19.04
CA THR A 1073 15.74 -8.95 18.33
C THR A 1073 14.41 -9.47 18.88
N TYR A 1074 13.47 -8.57 19.13
CA TYR A 1074 12.15 -8.90 19.66
C TYR A 1074 11.08 -8.78 18.58
N GLU A 1075 10.14 -9.73 18.55
CA GLU A 1075 9.04 -9.74 17.57
C GLU A 1075 7.73 -9.41 18.27
N TYR A 1076 6.94 -8.50 17.67
CA TYR A 1076 5.65 -8.10 18.24
C TYR A 1076 4.50 -8.32 17.25
N ARG A 1077 3.45 -8.99 17.72
CA ARG A 1077 2.15 -8.92 17.07
C ARG A 1077 1.06 -8.46 18.02
N ASN A 1078 1.43 -7.79 19.12
CA ASN A 1078 0.48 -7.19 20.03
C ASN A 1078 0.66 -5.68 19.95
N LEU A 1079 0.38 -5.15 18.76
CA LEU A 1079 0.74 -3.77 18.51
C LEU A 1079 -0.11 -2.81 19.32
N TYR A 1080 -1.21 -3.30 19.90
CA TYR A 1080 -1.94 -2.39 20.77
C TYR A 1080 -1.22 -2.24 22.10
N ALA A 1081 -0.60 -3.30 22.58
CA ALA A 1081 0.21 -3.10 23.75
C ALA A 1081 1.45 -2.27 23.41
N VAL A 1082 2.07 -2.49 22.24
CA VAL A 1082 3.22 -1.66 21.89
C VAL A 1082 2.82 -0.20 21.88
N LEU A 1083 1.62 0.09 21.40
CA LEU A 1083 1.17 1.48 21.26
C LEU A 1083 0.95 2.11 22.63
N ASN A 1084 0.42 1.34 23.59
CA ASN A 1084 0.24 1.87 24.94
C ASN A 1084 1.58 2.18 25.59
N ARG A 1085 2.50 1.22 25.52
CA ARG A 1085 3.81 1.39 26.11
C ARG A 1085 4.54 2.62 25.56
N LEU A 1086 4.55 2.78 24.23
CA LEU A 1086 5.08 4.02 23.64
C LEU A 1086 4.38 5.24 24.22
N GLN A 1088 2.76 5.75 27.17
CA GLN A 1088 3.09 6.06 28.55
C GLN A 1088 4.56 5.89 28.86
N ASN A 1089 5.42 5.93 27.84
CA ASN A 1089 6.88 5.96 27.99
C ASN A 1089 7.37 4.83 28.89
N LEU A 1090 6.84 3.67 28.67
CA LEU A 1090 7.23 2.45 29.33
C LEU A 1090 8.09 1.62 28.41
N PRO A 1091 8.94 0.74 28.97
CA PRO A 1091 9.82 -0.08 28.12
C PRO A 1091 8.99 -1.05 27.34
N VAL A 1092 9.35 -1.24 26.07
CA VAL A 1092 8.44 -1.90 25.14
C VAL A 1092 8.71 -3.39 25.04
N GLU A 1093 9.65 -3.94 25.82
CA GLU A 1093 10.15 -5.28 25.57
C GLU A 1093 9.32 -6.38 26.19
N GLU A 1094 8.54 -6.08 27.25
CA GLU A 1094 7.82 -7.15 27.94
C GLU A 1094 6.54 -7.58 27.24
N VAL A 1095 6.10 -6.83 26.24
CA VAL A 1095 4.89 -7.16 25.50
C VAL A 1095 5.27 -7.87 24.20
N ALA A 1096 6.54 -8.23 24.07
CA ALA A 1096 7.03 -8.96 22.91
C ALA A 1096 6.57 -10.41 22.96
N ASP A 1097 6.34 -11.01 21.79
CA ASP A 1097 5.74 -12.34 21.64
C ASP A 1097 6.78 -13.44 21.60
N THR A 1098 7.94 -13.14 21.02
CA THR A 1098 9.04 -14.07 20.83
C THR A 1098 10.33 -13.27 20.88
N VAL A 1099 11.38 -13.86 21.46
CA VAL A 1099 12.68 -13.22 21.61
C VAL A 1099 13.73 -14.14 21.04
N TYR A 1100 14.56 -13.59 20.14
CA TYR A 1100 15.63 -14.30 19.46
C TYR A 1100 17.01 -13.80 19.89
N ASP A 1101 18.00 -14.69 19.80
CA ASP A 1101 19.31 -14.51 20.41
C ASP A 1101 20.35 -14.22 19.34
N ALA A 1102 20.51 -12.95 18.97
CA ALA A 1102 21.46 -12.59 17.92
C ALA A 1102 21.25 -13.53 16.73
N SER A 1103 22.25 -14.36 16.41
CA SER A 1103 22.03 -15.47 15.49
C SER A 1103 20.93 -16.40 16.01
N GLY A 1104 21.19 -17.04 17.15
CA GLY A 1104 20.28 -17.93 17.84
C GLY A 1104 18.85 -17.44 17.85
N GLN A 1105 17.91 -18.37 17.68
CA GLN A 1105 16.50 -18.00 17.65
C GLN A 1105 15.67 -18.72 18.71
N ALA A 1106 14.44 -18.24 18.87
CA ALA A 1106 13.48 -18.80 19.81
C ALA A 1106 13.93 -18.92 21.26
N VAL A 1107 14.73 -17.98 21.76
CA VAL A 1107 15.11 -18.06 23.17
C VAL A 1107 13.89 -18.05 24.07
N GLU A 1108 12.95 -17.11 23.84
CA GLU A 1108 11.68 -17.06 24.58
C GLU A 1108 10.52 -17.00 23.60
N GLU A 1109 9.66 -18.02 23.61
CA GLU A 1109 8.39 -18.02 22.90
C GLU A 1109 7.26 -17.76 23.90
N ARG A 1110 6.74 -16.54 23.94
CA ARG A 1110 5.81 -16.14 24.98
C ARG A 1110 4.36 -16.32 24.56
N VAL A 1111 4.11 -16.75 23.33
CA VAL A 1111 2.78 -16.65 22.76
C VAL A 1111 1.83 -17.70 23.34
N PRO A 1112 2.22 -18.96 23.46
CA PRO A 1112 1.26 -19.93 24.04
C PRO A 1112 0.84 -19.59 25.48
N LEU A 1113 1.71 -18.98 26.27
CA LEU A 1113 1.31 -18.52 27.60
C LEU A 1113 0.28 -17.41 27.47
N LYS A 1114 0.65 -16.34 26.77
CA LYS A 1114 -0.27 -15.21 26.54
C LYS A 1114 -1.65 -15.66 26.06
N GLN A 1115 -1.74 -16.79 25.35
CA GLN A 1115 -3.02 -17.22 24.79
C GLN A 1115 -3.94 -17.78 25.86
N SER A 1116 -3.51 -18.86 26.51
CA SER A 1116 -4.39 -19.48 27.50
C SER A 1116 -4.62 -18.56 28.69
N ALA A 1117 -3.71 -17.62 28.92
CA ALA A 1117 -3.99 -16.56 29.89
C ALA A 1117 -5.18 -15.77 29.43
N THR A 1118 -5.20 -15.41 28.15
CA THR A 1118 -6.28 -14.60 27.63
C THR A 1118 -7.60 -15.31 27.81
N ARG A 1119 -7.64 -16.60 27.49
CA ARG A 1119 -8.90 -17.32 27.62
C ARG A 1119 -9.31 -17.44 29.08
N SER A 1120 -8.35 -17.44 30.01
CA SER A 1120 -8.71 -17.42 31.43
C SER A 1120 -9.27 -16.09 31.85
N LEU A 1121 -8.48 -15.01 31.70
CA LEU A 1121 -8.91 -13.66 32.07
C LEU A 1121 -10.28 -13.30 31.52
N VAL A 1122 -10.56 -13.64 30.25
CA VAL A 1122 -11.89 -13.39 29.69
C VAL A 1122 -12.94 -14.11 30.53
N LYS A 1123 -12.74 -15.41 30.79
CA LYS A 1123 -13.67 -16.17 31.64
C LYS A 1123 -13.85 -15.50 32.99
N GLY A 1124 -12.75 -15.08 33.62
CA GLY A 1124 -12.79 -14.29 34.84
C GLY A 1124 -13.59 -13.01 34.73
N LEU A 1125 -13.09 -12.03 33.97
CA LEU A 1125 -13.77 -10.77 33.69
C LEU A 1125 -15.27 -10.96 33.56
N LEU A 1126 -15.67 -12.02 32.87
CA LEU A 1126 -17.08 -12.30 32.61
C LEU A 1126 -17.83 -12.77 33.85
N ASP A 1127 -17.41 -13.86 34.44
CA ASP A 1127 -18.25 -14.29 35.55
C ASP A 1127 -17.84 -13.59 36.87
N LEU A 1128 -16.90 -12.63 36.83
CA LEU A 1128 -16.77 -11.70 37.95
C LEU A 1128 -17.81 -10.61 37.90
N ALA A 1129 -18.03 -10.05 36.71
CA ALA A 1129 -19.02 -9.02 36.46
C ALA A 1129 -20.45 -9.50 36.63
N SER A 1130 -20.67 -10.81 36.58
CA SER A 1130 -21.99 -11.41 36.69
C SER A 1130 -22.24 -12.08 38.04
N GLY A 1131 -21.33 -11.93 39.00
CA GLY A 1131 -21.53 -12.47 40.32
C GLY A 1131 -21.24 -13.94 40.53
N LYS A 1132 -21.06 -14.73 39.46
CA LYS A 1132 -20.68 -16.13 39.63
C LYS A 1132 -19.34 -16.28 40.33
N VAL A 1133 -18.70 -15.16 40.70
CA VAL A 1133 -17.53 -15.17 41.54
C VAL A 1133 -17.81 -14.24 42.70
N LYS A 1134 -17.68 -14.77 43.90
CA LYS A 1134 -17.88 -13.94 45.09
C LYS A 1134 -16.59 -13.15 45.26
N GLU A 1135 -16.59 -11.96 44.68
CA GLU A 1135 -15.44 -11.05 44.75
C GLU A 1135 -15.86 -9.68 44.26
N ASP A 1136 -15.10 -8.67 44.68
CA ASP A 1136 -15.37 -7.24 44.66
C ASP A 1136 -15.26 -6.62 43.26
N PRO A 1137 -16.31 -6.60 42.46
CA PRO A 1137 -16.12 -6.14 41.08
C PRO A 1137 -15.95 -4.64 41.07
N ASP A 1138 -14.91 -4.11 41.72
CA ASP A 1138 -14.92 -2.68 42.03
C ASP A 1138 -13.66 -1.95 41.65
N GLY A 1139 -12.51 -2.39 42.08
CA GLY A 1139 -11.34 -1.70 41.56
C GLY A 1139 -10.96 -2.09 40.15
N THR A 1140 -11.84 -2.83 39.47
CA THR A 1140 -11.50 -3.68 38.35
C THR A 1140 -12.20 -3.22 37.07
N VAL A 1141 -11.83 -3.83 35.94
CA VAL A 1141 -12.48 -3.53 34.67
C VAL A 1141 -13.83 -4.23 34.53
N ALA A 1142 -14.23 -5.00 35.53
CA ALA A 1142 -15.56 -5.57 35.58
C ALA A 1142 -16.54 -4.63 36.25
N GLU A 1143 -16.03 -3.53 36.80
CA GLU A 1143 -16.86 -2.52 37.47
C GLU A 1143 -17.73 -1.86 36.43
N ASP A 1144 -19.03 -2.11 36.50
CA ASP A 1144 -20.05 -1.57 35.62
C ASP A 1144 -20.12 -2.28 34.29
N LEU A 1145 -19.30 -3.29 34.01
CA LEU A 1145 -19.45 -3.97 32.74
C LEU A 1145 -20.88 -4.43 32.57
N ALA A 1146 -21.48 -4.99 33.64
CA ALA A 1146 -22.78 -5.62 33.51
C ALA A 1146 -23.90 -4.62 33.35
N ASP A 1147 -23.62 -3.33 33.46
CA ASP A 1147 -24.57 -2.25 33.21
C ASP A 1147 -24.56 -1.75 31.78
N LEU A 1148 -23.74 -2.35 30.94
CA LEU A 1148 -23.40 -1.81 29.65
C LEU A 1148 -23.97 -2.68 28.54
N PRO A 1149 -24.38 -2.07 27.43
CA PRO A 1149 -24.81 -2.88 26.28
C PRO A 1149 -23.79 -3.92 25.89
N VAL A 1150 -22.51 -3.55 25.82
CA VAL A 1150 -21.47 -4.48 25.37
C VAL A 1150 -21.45 -5.76 26.20
N PHE A 1151 -21.94 -5.71 27.44
CA PHE A 1151 -21.91 -6.89 28.30
C PHE A 1151 -22.76 -8.02 27.73
N GLY A 1152 -23.90 -7.69 27.12
CA GLY A 1152 -24.72 -8.73 26.53
C GLY A 1152 -24.01 -9.40 25.39
N GLU A 1153 -23.14 -8.66 24.71
CA GLU A 1153 -22.37 -9.24 23.62
C GLU A 1153 -21.31 -10.19 24.14
N LEU A 1154 -20.46 -9.71 25.06
CA LEU A 1154 -19.38 -10.53 25.59
C LEU A 1154 -19.88 -11.84 26.17
N GLU A 1155 -21.13 -11.87 26.63
CA GLU A 1155 -21.58 -13.11 27.23
C GLU A 1155 -21.86 -14.17 26.19
N GLN A 1156 -22.14 -13.78 24.94
CA GLN A 1156 -22.30 -14.78 23.89
C GLN A 1156 -20.99 -15.47 23.52
N LEU A 1157 -19.86 -15.10 24.11
CA LEU A 1157 -18.63 -15.83 23.85
C LEU A 1157 -18.13 -16.55 25.09
N TYR A 1158 -19.03 -16.82 26.05
CA TYR A 1158 -18.64 -17.54 27.27
C TYR A 1158 -18.35 -19.01 26.98
N GLY A 1159 -19.12 -19.62 26.08
CA GLY A 1159 -18.84 -20.99 25.68
C GLY A 1159 -17.40 -21.18 25.24
N LEU A 1160 -16.91 -20.29 24.39
CA LEU A 1160 -15.59 -20.53 23.83
C LEU A 1160 -14.47 -20.37 24.86
N VAL A 1161 -14.77 -19.85 26.06
CA VAL A 1161 -13.75 -19.71 27.08
C VAL A 1161 -14.08 -20.48 28.35
N ALA A 1162 -15.17 -21.26 28.34
CA ALA A 1162 -15.58 -22.06 29.50
C ALA A 1162 -14.45 -22.95 30.03
N ASP A 1163 -13.93 -23.84 29.19
CA ASP A 1163 -12.85 -24.76 29.56
C ASP A 1163 -11.78 -24.12 30.42
N ALA A 1164 -11.55 -22.81 30.27
CA ALA A 1164 -10.39 -22.21 30.91
C ALA A 1164 -10.54 -22.26 32.40
N LYS A 1165 -9.42 -22.13 33.10
CA LYS A 1165 -9.49 -22.00 34.54
C LYS A 1165 -8.64 -20.83 34.97
N TYR A 1166 -8.92 -20.34 36.17
CA TYR A 1166 -8.19 -19.22 36.75
C TYR A 1166 -8.18 -19.40 38.26
N ASP A 1167 -7.11 -18.94 38.88
CA ASP A 1167 -6.92 -18.91 40.33
C ASP A 1167 -7.70 -17.73 40.91
N PRO A 1168 -8.87 -17.96 41.53
CA PRO A 1168 -9.78 -16.85 41.84
C PRO A 1168 -9.18 -15.74 42.67
N SER A 1169 -8.16 -16.00 43.48
CA SER A 1169 -7.57 -14.94 44.27
C SER A 1169 -6.94 -13.87 43.38
N SER A 1170 -6.07 -14.28 42.48
CA SER A 1170 -5.29 -13.36 41.66
C SER A 1170 -6.10 -12.67 40.56
N LEU A 1171 -7.42 -12.91 40.50
CA LEU A 1171 -8.24 -12.33 39.45
C LEU A 1171 -8.40 -10.82 39.65
N LYS A 1172 -8.68 -10.41 40.90
CA LYS A 1172 -8.79 -8.99 41.17
C LYS A 1172 -7.52 -8.26 40.76
N SER A 1173 -6.36 -8.85 41.05
CA SER A 1173 -5.10 -8.24 40.65
C SER A 1173 -4.99 -8.08 39.14
N ALA A 1174 -5.33 -9.15 38.39
CA ALA A 1174 -5.15 -9.11 36.93
C ALA A 1174 -5.98 -7.98 36.31
N LEU A 1175 -7.19 -7.77 36.84
CA LEU A 1175 -8.24 -6.95 36.24
C LEU A 1175 -8.26 -5.50 36.74
N VAL A 1176 -7.12 -4.89 37.04
CA VAL A 1176 -7.13 -3.57 37.66
C VAL A 1176 -6.69 -2.40 36.74
#